data_7YD7
#
_entry.id   7YD7
#
_cell.length_a   72.470
_cell.length_b   115.930
_cell.length_c   169.350
_cell.angle_alpha   90.00
_cell.angle_beta   90.00
_cell.angle_gamma   90.00
#
_symmetry.space_group_name_H-M   'P 21 21 21'
#
loop_
_entity.id
_entity.type
_entity.pdbx_description
1 polymer 'Deoxyribodipyrimidine photo-lyase'
2 polymer 'CPD photolesion containing DNA'
3 polymer 'complementary oligonucleotide to the CPD containing DNA'
4 non-polymer 'SULFATE ION'
5 non-polymer 'FLAVIN-ADENINE DINUCLEOTIDE'
6 water water
#
loop_
_entity_poly.entity_id
_entity_poly.type
_entity_poly.pdbx_seq_one_letter_code
_entity_poly.pdbx_strand_id
1 'polypeptide(L)'
;MGSSHHHHHHSSGLVPRGSHMNPKRIRALKSGKQGDGPVVYWMSRDQRAEDNWALLFSRAIAKEANVPVVVVFCLTDEFL
EAGIRQYEFMLKGLQELEVSLSRKKIPSFFLRGDPGEKISRFVKDYNAGTLVTDFSPLRIKNQWIEKVISGISIPFFEVD
AHNVVPCWEASQKHEYAAHTFRPKLYALLPEFLEEFPELEPNSVTPELSAGAGMVETLSDVLETGVKALLPERALLKNKD
PLFEPWHFEPGEKAAKKVMESFIADRLDSYGALRNDPTKNMLSNLSPYLHFGQISSQRVVLEVEKAESNPGSKKAFLDEI
LIWKEISDNFCYYNPGYDGFESFPSWAKESLNAHRNDVRSHIYTLEEFEAGKTHDPLWNASQMELLSTGKMHGYTRMYWA
KKILEWSESPEKALEIAICLNDRYELDGRDPNGYAGIAWSIGGVHDRAWGEREVTGKIRYMSYEGCKRKFDVKLYIEKYS
AL
;
A,B
2 'polydeoxyribonucleotide' (DA)(DT)(DC)(DG)(DG)(DC)(TTD)(DC)(DG)(DC)(DG)(DC)(DA) C,E
3 'polydeoxyribonucleotide' (DT)(DG)(DC)(DG)(DC)(DG)(DA)(DA)(DG)(DC)(DC)(DG)(DA)(DT) D,F
#
loop_
_chem_comp.id
_chem_comp.type
_chem_comp.name
_chem_comp.formula
DA DNA linking 2'-DEOXYADENOSINE-5'-MONOPHOSPHATE 'C10 H14 N5 O6 P'
DC DNA linking 2'-DEOXYCYTIDINE-5'-MONOPHOSPHATE 'C9 H14 N3 O7 P'
DG DNA linking 2'-DEOXYGUANOSINE-5'-MONOPHOSPHATE 'C10 H14 N5 O7 P'
DT DNA linking THYMIDINE-5'-MONOPHOSPHATE 'C10 H15 N2 O8 P'
FAD non-polymer 'FLAVIN-ADENINE DINUCLEOTIDE' 'C27 H33 N9 O15 P2'
SO4 non-polymer 'SULFATE ION' 'O4 S -2'
TTD DNA linking 'CIS-SYN CYCLOBUTANE THYMINE DIMER' 'C20 H28 N4 O15 P2'
#
# COMPACT_ATOMS: atom_id res chain seq x y z
N PRO A 16 4.15 31.82 29.20
CA PRO A 16 5.49 31.86 29.80
C PRO A 16 6.29 33.09 29.37
N ARG A 17 6.00 34.23 29.99
CA ARG A 17 6.70 35.49 29.73
C ARG A 17 6.60 35.91 28.27
N GLY A 18 7.42 36.87 27.86
CA GLY A 18 7.42 37.34 26.48
C GLY A 18 6.38 38.39 26.20
N SER A 19 6.78 39.47 25.53
CA SER A 19 5.85 40.52 25.14
C SER A 19 5.31 40.27 23.73
N HIS A 20 6.20 40.14 22.75
CA HIS A 20 5.83 39.80 21.38
C HIS A 20 5.72 38.28 21.21
N MET A 21 4.96 37.63 22.08
CA MET A 21 4.86 36.18 22.12
C MET A 21 3.43 35.81 22.48
N ASN A 22 2.67 35.34 21.49
CA ASN A 22 1.30 34.94 21.72
C ASN A 22 1.27 33.59 22.42
N PRO A 23 0.66 33.49 23.61
CA PRO A 23 0.64 32.19 24.31
C PRO A 23 -0.18 31.13 23.60
N LYS A 24 -1.07 31.51 22.68
CA LYS A 24 -1.88 30.53 21.97
C LYS A 24 -1.06 29.70 21.00
N ARG A 25 0.14 30.15 20.64
CA ARG A 25 1.00 29.36 19.76
C ARG A 25 1.64 28.19 20.50
N ILE A 26 1.66 28.21 21.83
CA ILE A 26 2.24 27.16 22.63
C ILE A 26 1.14 26.41 23.37
N ARG A 27 1.40 25.16 23.69
CA ARG A 27 0.51 24.35 24.50
C ARG A 27 1.33 23.33 25.26
N ALA A 28 0.87 22.99 26.46
CA ALA A 28 1.62 22.15 27.38
C ALA A 28 1.31 20.68 27.12
N LEU A 29 2.32 19.93 26.68
CA LEU A 29 2.16 18.49 26.47
CA LEU A 29 2.16 18.49 26.47
C LEU A 29 2.35 17.68 27.74
N LYS A 30 2.97 18.25 28.78
CA LYS A 30 3.20 17.58 30.04
C LYS A 30 3.53 18.62 31.10
N SER A 31 3.17 18.29 32.34
CA SER A 31 3.38 19.19 33.48
C SER A 31 4.37 18.58 34.46
N GLY A 32 5.07 19.44 35.18
CA GLY A 32 6.03 18.97 36.17
C GLY A 32 6.92 20.11 36.63
N LYS A 33 7.80 19.77 37.57
CA LYS A 33 8.73 20.74 38.11
C LYS A 33 9.80 21.08 37.09
N GLN A 34 10.09 22.36 36.94
CA GLN A 34 11.11 22.79 35.98
C GLN A 34 12.50 22.45 36.51
N GLY A 35 13.31 21.84 35.65
CA GLY A 35 14.65 21.48 36.04
C GLY A 35 15.58 22.67 36.12
N ASP A 36 16.76 22.44 36.67
CA ASP A 36 17.76 23.48 36.87
C ASP A 36 18.77 23.55 35.72
N GLY A 37 18.51 22.84 34.62
CA GLY A 37 19.42 22.82 33.50
C GLY A 37 18.93 23.62 32.32
N PRO A 38 19.62 23.50 31.18
CA PRO A 38 19.23 24.27 30.00
C PRO A 38 17.96 23.73 29.36
N VAL A 39 17.25 24.62 28.67
CA VAL A 39 16.08 24.23 27.89
C VAL A 39 16.56 23.61 26.59
N VAL A 40 15.83 22.59 26.11
CA VAL A 40 16.21 21.84 24.93
C VAL A 40 15.08 21.96 23.91
N TYR A 41 15.42 22.38 22.69
CA TYR A 41 14.47 22.52 21.60
C TYR A 41 14.61 21.31 20.67
N TRP A 42 13.54 20.53 20.55
CA TRP A 42 13.50 19.38 19.66
C TRP A 42 13.01 19.87 18.30
N MET A 43 13.94 20.06 17.36
CA MET A 43 13.62 20.55 16.03
C MET A 43 13.34 19.36 15.11
N SER A 44 12.12 19.30 14.57
CA SER A 44 11.78 18.27 13.58
C SER A 44 11.33 18.87 12.26
N ARG A 45 10.34 19.76 12.28
CA ARG A 45 9.69 20.24 11.06
C ARG A 45 10.20 21.58 10.57
N ASP A 46 10.55 22.49 11.48
CA ASP A 46 10.99 23.84 11.12
C ASP A 46 12.52 23.89 11.26
N GLN A 47 13.21 23.50 10.19
CA GLN A 47 14.67 23.48 10.18
C GLN A 47 15.17 24.85 9.70
N ARG A 48 15.13 25.81 10.61
CA ARG A 48 15.58 27.16 10.33
C ARG A 48 15.92 27.86 11.64
N ALA A 49 16.69 28.95 11.53
CA ALA A 49 17.08 29.74 12.68
C ALA A 49 16.29 31.03 12.80
N GLU A 50 15.87 31.61 11.69
CA GLU A 50 15.11 32.86 11.69
C GLU A 50 13.63 32.58 11.49
N ASP A 51 12.80 33.44 12.07
CA ASP A 51 11.34 33.34 11.97
C ASP A 51 10.84 31.97 12.46
N ASN A 52 11.41 31.50 13.55
CA ASN A 52 11.04 30.22 14.16
C ASN A 52 10.38 30.50 15.50
N TRP A 53 9.08 30.22 15.60
CA TRP A 53 8.38 30.43 16.86
C TRP A 53 8.78 29.39 17.90
N ALA A 54 9.00 28.15 17.46
CA ALA A 54 9.40 27.10 18.39
C ALA A 54 10.79 27.36 18.97
N LEU A 55 11.63 28.10 18.25
CA LEU A 55 12.96 28.46 18.74
C LEU A 55 12.92 29.76 19.53
N LEU A 56 12.10 30.72 19.10
CA LEU A 56 11.96 31.96 19.85
C LEU A 56 11.31 31.73 21.21
N PHE A 57 10.32 30.83 21.26
CA PHE A 57 9.70 30.48 22.54
C PHE A 57 10.69 29.82 23.48
N SER A 58 11.55 28.95 22.94
CA SER A 58 12.53 28.27 23.77
C SER A 58 13.55 29.24 24.34
N ARG A 59 13.93 30.27 23.58
CA ARG A 59 14.88 31.25 24.08
C ARG A 59 14.30 32.05 25.24
N ALA A 60 13.01 32.38 25.17
CA ALA A 60 12.38 33.13 26.25
C ALA A 60 12.37 32.34 27.55
N ILE A 61 12.02 31.05 27.48
CA ILE A 61 12.06 30.21 28.66
C ILE A 61 13.49 30.11 29.19
N ALA A 62 14.46 30.06 28.27
CA ALA A 62 15.87 30.09 28.68
C ALA A 62 16.22 31.41 29.35
N LYS A 63 15.71 32.52 28.82
CA LYS A 63 16.03 33.83 29.38
C LYS A 63 15.39 34.02 30.75
N GLU A 64 14.16 33.53 30.93
CA GLU A 64 13.48 33.70 32.20
C GLU A 64 14.11 32.85 33.30
N ALA A 65 14.63 31.67 32.95
CA ALA A 65 15.23 30.78 33.92
C ALA A 65 16.73 30.96 34.05
N ASN A 66 17.31 31.93 33.36
CA ASN A 66 18.76 32.20 33.38
C ASN A 66 19.55 30.96 32.98
N VAL A 67 19.06 30.24 31.99
CA VAL A 67 19.69 29.01 31.50
C VAL A 67 19.91 29.17 29.99
N PRO A 68 20.86 28.43 29.43
CA PRO A 68 21.06 28.46 27.98
C PRO A 68 20.00 27.62 27.26
N VAL A 69 19.94 27.83 25.94
CA VAL A 69 19.03 27.09 25.07
C VAL A 69 19.86 26.21 24.14
N VAL A 70 19.48 24.94 24.05
CA VAL A 70 20.17 23.97 23.20
C VAL A 70 19.21 23.48 22.13
N VAL A 71 19.77 22.93 21.07
CA VAL A 71 19.01 22.46 19.91
C VAL A 71 19.40 21.02 19.62
N VAL A 72 18.41 20.15 19.46
CA VAL A 72 18.62 18.73 19.20
C VAL A 72 17.86 18.33 17.95
N PHE A 73 18.52 17.59 17.07
CA PHE A 73 17.90 17.02 15.88
C PHE A 73 18.24 15.54 15.83
N CYS A 74 17.22 14.69 15.78
CA CYS A 74 17.41 13.24 15.78
C CYS A 74 17.20 12.71 14.36
N LEU A 75 18.29 12.23 13.76
CA LEU A 75 18.23 11.62 12.44
C LEU A 75 17.72 10.18 12.56
N THR A 76 16.62 9.88 11.91
CA THR A 76 15.97 8.58 12.02
C THR A 76 16.22 7.76 10.76
N ASP A 77 15.69 6.54 10.76
CA ASP A 77 15.81 5.63 9.62
C ASP A 77 14.77 5.89 8.54
N GLU A 78 14.10 7.05 8.58
CA GLU A 78 13.07 7.37 7.60
C GLU A 78 13.66 7.77 6.25
N PHE A 79 14.97 8.03 6.16
CA PHE A 79 15.55 8.37 4.86
C PHE A 79 15.62 7.17 3.93
N LEU A 80 15.53 5.96 4.46
CA LEU A 80 15.57 4.78 3.60
C LEU A 80 14.33 4.69 2.72
N GLU A 81 13.18 5.16 3.21
CA GLU A 81 11.96 5.15 2.42
CA GLU A 81 11.97 5.14 2.41
C GLU A 81 12.03 6.15 1.27
N ALA A 82 12.80 7.22 1.44
CA ALA A 82 12.98 8.25 0.43
C ALA A 82 14.26 7.97 -0.37
N GLY A 83 14.66 8.94 -1.19
CA GLY A 83 15.88 8.82 -1.97
C GLY A 83 16.93 9.83 -1.61
N ILE A 84 17.99 9.91 -2.42
CA ILE A 84 19.07 10.86 -2.16
C ILE A 84 18.64 12.30 -2.40
N ARG A 85 17.62 12.51 -3.24
CA ARG A 85 17.19 13.87 -3.54
C ARG A 85 16.66 14.57 -2.28
N GLN A 86 15.95 13.83 -1.43
CA GLN A 86 15.44 14.41 -0.19
C GLN A 86 16.48 14.40 0.92
N TYR A 87 17.34 13.38 0.95
CA TYR A 87 18.37 13.31 1.99
C TYR A 87 19.38 14.44 1.85
N GLU A 88 19.87 14.67 0.61
CA GLU A 88 20.84 15.74 0.39
C GLU A 88 20.21 17.11 0.59
N PHE A 89 18.93 17.26 0.23
CA PHE A 89 18.27 18.55 0.43
C PHE A 89 18.15 18.88 1.92
N MET A 90 17.79 17.89 2.74
CA MET A 90 17.65 18.14 4.17
C MET A 90 19.02 18.27 4.84
N LEU A 91 19.98 17.42 4.45
CA LEU A 91 21.28 17.42 5.13
C LEU A 91 22.06 18.69 4.84
N LYS A 92 22.07 19.14 3.58
CA LYS A 92 22.83 20.35 3.23
C LYS A 92 22.28 21.57 3.95
N GLY A 93 20.97 21.64 4.15
CA GLY A 93 20.40 22.75 4.91
C GLY A 93 20.74 22.69 6.39
N LEU A 94 20.95 21.48 6.92
CA LEU A 94 21.31 21.35 8.33
C LEU A 94 22.74 21.79 8.59
N GLN A 95 23.65 21.57 7.64
CA GLN A 95 25.01 22.06 7.79
C GLN A 95 25.05 23.58 7.80
N GLU A 96 24.26 24.23 6.94
CA GLU A 96 24.17 25.69 6.97
C GLU A 96 23.50 26.15 8.26
N LEU A 97 22.48 25.42 8.72
CA LEU A 97 21.82 25.79 9.98
C LEU A 97 22.76 25.63 11.17
N GLU A 98 23.66 24.66 11.12
CA GLU A 98 24.63 24.48 12.21
C GLU A 98 25.53 25.70 12.34
N VAL A 99 25.94 26.28 11.21
CA VAL A 99 26.76 27.49 11.25
C VAL A 99 25.93 28.67 11.75
N SER A 100 24.68 28.78 11.29
CA SER A 100 23.83 29.90 11.71
C SER A 100 23.57 29.87 13.21
N LEU A 101 23.28 28.68 13.76
CA LEU A 101 23.06 28.58 15.20
C LEU A 101 24.35 28.81 15.98
N SER A 102 25.50 28.47 15.39
CA SER A 102 26.77 28.71 16.05
C SER A 102 27.10 30.19 16.15
N ARG A 103 26.53 31.01 15.27
CA ARG A 103 26.77 32.45 15.33
C ARG A 103 26.04 33.11 16.49
N LYS A 104 25.01 32.45 17.05
CA LYS A 104 24.26 32.97 18.17
C LYS A 104 24.51 32.16 19.44
N LYS A 105 25.67 31.51 19.53
CA LYS A 105 26.10 30.74 20.70
C LYS A 105 25.08 29.68 21.10
N ILE A 106 24.40 29.10 20.12
CA ILE A 106 23.41 28.05 20.34
C ILE A 106 23.97 26.74 19.82
N PRO A 107 24.00 25.68 20.63
CA PRO A 107 24.56 24.41 20.18
C PRO A 107 23.54 23.49 19.54
N SER A 108 23.98 22.82 18.47
CA SER A 108 23.15 21.88 17.74
C SER A 108 23.71 20.47 17.94
N PHE A 109 22.88 19.58 18.48
CA PHE A 109 23.26 18.19 18.72
C PHE A 109 22.47 17.30 17.76
N PHE A 110 23.19 16.54 16.94
CA PHE A 110 22.59 15.66 15.96
C PHE A 110 22.74 14.22 16.43
N LEU A 111 21.63 13.51 16.54
CA LEU A 111 21.59 12.14 17.04
C LEU A 111 21.02 11.21 15.97
N ARG A 112 21.40 9.94 16.07
CA ARG A 112 20.94 8.91 15.14
C ARG A 112 20.25 7.80 15.93
N GLY A 113 19.05 7.43 15.49
CA GLY A 113 18.29 6.38 16.13
C GLY A 113 16.86 6.81 16.28
N ASP A 114 16.15 6.14 17.18
CA ASP A 114 14.74 6.44 17.43
C ASP A 114 14.63 7.65 18.34
N PRO A 115 13.94 8.72 17.93
CA PRO A 115 13.74 9.86 18.83
C PRO A 115 13.02 9.49 20.12
N GLY A 116 12.16 8.47 20.09
CA GLY A 116 11.44 8.07 21.28
C GLY A 116 12.34 7.57 22.40
N GLU A 117 13.54 7.11 22.07
CA GLU A 117 14.50 6.64 23.06
C GLU A 117 15.74 7.51 23.18
N LYS A 118 16.15 8.18 22.10
CA LYS A 118 17.35 9.00 22.15
C LYS A 118 17.09 10.37 22.78
N ILE A 119 15.91 10.95 22.51
CA ILE A 119 15.58 12.25 23.11
C ILE A 119 15.46 12.10 24.62
N SER A 120 14.76 11.06 25.08
CA SER A 120 14.63 10.83 26.52
C SER A 120 15.99 10.57 27.16
N ARG A 121 16.89 9.90 26.44
CA ARG A 121 18.25 9.71 26.95
C ARG A 121 19.04 11.02 26.94
N PHE A 122 18.75 11.90 25.99
CA PHE A 122 19.45 13.18 25.92
C PHE A 122 18.98 14.14 27.01
N VAL A 123 17.70 14.08 27.37
CA VAL A 123 17.18 14.93 28.45
C VAL A 123 17.86 14.59 29.77
N LYS A 124 17.97 13.30 30.07
CA LYS A 124 18.55 12.90 31.35
C LYS A 124 20.06 13.09 31.37
N ASP A 125 20.73 12.83 30.24
CA ASP A 125 22.18 12.96 30.19
C ASP A 125 22.62 14.41 30.27
N TYR A 126 21.90 15.32 29.61
CA TYR A 126 22.24 16.73 29.61
C TYR A 126 21.58 17.51 30.74
N ASN A 127 20.75 16.85 31.55
CA ASN A 127 20.03 17.50 32.65
C ASN A 127 19.20 18.68 32.15
N ALA A 128 18.25 18.36 31.29
CA ALA A 128 17.40 19.40 30.70
C ALA A 128 16.38 19.90 31.70
N GLY A 129 16.09 21.20 31.63
CA GLY A 129 15.08 21.81 32.48
C GLY A 129 13.71 21.81 31.85
N THR A 130 13.64 22.16 30.57
CA THR A 130 12.38 22.16 29.83
C THR A 130 12.63 21.65 28.43
N LEU A 131 11.62 21.00 27.85
CA LEU A 131 11.70 20.43 26.52
C LEU A 131 10.62 21.06 25.64
N VAL A 132 11.03 21.55 24.48
CA VAL A 132 10.12 22.21 23.52
C VAL A 132 10.34 21.58 22.15
N THR A 133 9.24 21.37 21.42
CA THR A 133 9.29 20.80 20.09
C THR A 133 8.31 21.53 19.19
N ASP A 134 8.49 21.35 17.88
CA ASP A 134 7.60 21.95 16.90
C ASP A 134 6.41 21.03 16.61
N PHE A 135 5.37 21.60 16.02
CA PHE A 135 4.13 20.88 15.76
C PHE A 135 4.18 20.17 14.41
N SER A 136 3.56 18.99 14.34
CA SER A 136 3.42 18.22 13.12
C SER A 136 2.27 17.25 13.28
N PRO A 137 1.32 17.23 12.33
CA PRO A 137 0.16 16.34 12.45
C PRO A 137 0.40 14.92 11.97
N LEU A 138 1.65 14.53 11.72
CA LEU A 138 1.94 13.19 11.23
C LEU A 138 1.80 12.17 12.35
N ARG A 139 1.50 10.93 11.95
CA ARG A 139 1.29 9.86 12.92
CA ARG A 139 1.29 9.86 12.92
C ARG A 139 2.58 9.54 13.68
N ILE A 140 3.73 9.54 12.98
CA ILE A 140 4.99 9.18 13.62
C ILE A 140 5.35 10.16 14.72
N LYS A 141 5.08 11.45 14.49
CA LYS A 141 5.44 12.46 15.49
C LYS A 141 4.66 12.26 16.78
N ASN A 142 3.37 11.93 16.68
CA ASN A 142 2.57 11.67 17.88
C ASN A 142 3.07 10.42 18.60
N GLN A 143 3.55 9.41 17.86
CA GLN A 143 4.13 8.25 18.49
C GLN A 143 5.45 8.58 19.18
N TRP A 144 6.26 9.44 18.57
CA TRP A 144 7.51 9.85 19.19
C TRP A 144 7.25 10.70 20.43
N ILE A 145 6.21 11.53 20.40
CA ILE A 145 5.87 12.36 21.54
C ILE A 145 5.44 11.50 22.72
N GLU A 146 4.58 10.51 22.47
CA GLU A 146 4.11 9.63 23.54
C GLU A 146 5.25 8.81 24.13
N LYS A 147 6.24 8.44 23.31
CA LYS A 147 7.40 7.72 23.85
C LYS A 147 8.24 8.61 24.75
N VAL A 148 8.46 9.86 24.34
CA VAL A 148 9.20 10.80 25.17
C VAL A 148 8.41 11.14 26.43
N ILE A 149 7.08 11.20 26.31
CA ILE A 149 6.23 11.56 27.44
C ILE A 149 6.43 10.57 28.59
N SER A 150 6.55 9.29 28.27
CA SER A 150 6.70 8.26 29.30
CA SER A 150 6.70 8.26 29.30
C SER A 150 8.14 8.12 29.79
N GLY A 151 9.10 8.82 29.18
CA GLY A 151 10.49 8.68 29.57
C GLY A 151 11.12 9.91 30.18
N ILE A 152 10.35 10.98 30.36
CA ILE A 152 10.86 12.23 30.90
C ILE A 152 10.02 12.66 32.09
N SER A 153 10.61 13.54 32.90
CA SER A 153 9.92 14.13 34.05
C SER A 153 9.96 15.65 34.02
N ILE A 154 10.47 16.26 32.95
CA ILE A 154 10.55 17.70 32.81
C ILE A 154 9.34 18.19 32.02
N PRO A 155 8.95 19.46 32.14
CA PRO A 155 7.82 19.96 31.34
C PRO A 155 8.10 19.84 29.85
N PHE A 156 7.05 19.51 29.10
CA PHE A 156 7.14 19.33 27.65
C PHE A 156 6.13 20.26 26.98
N PHE A 157 6.62 21.12 26.10
CA PHE A 157 5.79 22.09 25.39
C PHE A 157 5.89 21.86 23.89
N GLU A 158 4.89 22.37 23.17
CA GLU A 158 4.84 22.24 21.72
C GLU A 158 4.41 23.58 21.13
N VAL A 159 5.11 24.00 20.07
CA VAL A 159 4.86 25.28 19.42
C VAL A 159 4.53 25.01 17.96
N ASP A 160 3.48 25.67 17.46
CA ASP A 160 3.11 25.60 16.04
C ASP A 160 3.92 26.68 15.31
N ALA A 161 5.11 26.31 14.88
CA ALA A 161 6.00 27.22 14.17
C ALA A 161 5.87 27.12 12.65
N HIS A 162 4.93 26.32 12.16
CA HIS A 162 4.75 26.12 10.73
C HIS A 162 3.57 26.89 10.16
N ASN A 163 2.46 26.98 10.89
CA ASN A 163 1.26 27.66 10.44
C ASN A 163 1.18 29.06 11.04
N VAL A 164 0.62 29.99 10.28
CA VAL A 164 0.42 31.34 10.78
C VAL A 164 -0.53 31.33 11.97
N VAL A 165 -1.64 30.61 11.85
CA VAL A 165 -2.58 30.40 12.95
C VAL A 165 -2.36 28.99 13.48
N PRO A 166 -2.25 28.80 14.79
CA PRO A 166 -2.04 27.45 15.33
C PRO A 166 -3.14 26.50 14.89
N CYS A 167 -2.74 25.25 14.63
CA CYS A 167 -3.67 24.27 14.08
C CYS A 167 -4.85 24.01 15.02
N TRP A 168 -4.58 23.90 16.32
CA TRP A 168 -5.66 23.69 17.27
C TRP A 168 -6.51 24.93 17.50
N GLU A 169 -5.99 26.11 17.17
CA GLU A 169 -6.73 27.35 17.35
C GLU A 169 -7.57 27.72 16.13
N ALA A 170 -7.15 27.32 14.93
CA ALA A 170 -7.90 27.66 13.72
C ALA A 170 -9.26 26.99 13.71
N SER A 171 -9.30 25.68 13.94
CA SER A 171 -10.54 24.93 13.92
C SER A 171 -10.40 23.70 14.81
N GLN A 172 -11.49 23.33 15.46
CA GLN A 172 -11.54 22.17 16.34
C GLN A 172 -12.28 21.00 15.71
N LYS A 173 -12.38 20.97 14.38
CA LYS A 173 -13.13 19.94 13.69
C LYS A 173 -12.57 19.81 12.28
N HIS A 174 -12.58 18.58 11.76
CA HIS A 174 -12.19 18.33 10.38
C HIS A 174 -13.06 19.14 9.43
N GLU A 175 -12.47 20.13 8.76
CA GLU A 175 -13.24 21.02 7.90
C GLU A 175 -13.59 20.31 6.60
N TYR A 176 -14.85 20.44 6.18
CA TYR A 176 -15.31 19.75 4.98
C TYR A 176 -14.72 20.36 3.71
N ALA A 177 -14.69 21.70 3.63
CA ALA A 177 -14.22 22.38 2.43
C ALA A 177 -13.49 23.64 2.82
N ALA A 178 -12.86 24.28 1.82
CA ALA A 178 -12.14 25.52 2.07
C ALA A 178 -13.09 26.67 2.36
N HIS A 179 -14.24 26.70 1.69
CA HIS A 179 -15.19 27.79 1.89
C HIS A 179 -15.77 27.79 3.31
N THR A 180 -15.64 26.69 4.05
CA THR A 180 -15.99 26.67 5.46
C THR A 180 -14.80 27.04 6.35
N PHE A 181 -13.59 26.71 5.92
CA PHE A 181 -12.38 27.05 6.67
C PHE A 181 -11.85 28.45 6.34
N ARG A 182 -12.25 29.02 5.20
CA ARG A 182 -11.80 30.35 4.83
C ARG A 182 -12.23 31.43 5.81
N PRO A 183 -13.51 31.55 6.20
CA PRO A 183 -13.87 32.61 7.15
C PRO A 183 -13.23 32.45 8.51
N LYS A 184 -12.93 31.22 8.93
CA LYS A 184 -12.31 31.02 10.24
C LYS A 184 -10.86 31.47 10.26
N LEU A 185 -10.13 31.19 9.19
CA LEU A 185 -8.71 31.58 9.13
C LEU A 185 -8.55 33.09 8.99
N TYR A 186 -9.32 33.70 8.09
CA TYR A 186 -9.18 35.14 7.84
C TYR A 186 -9.67 35.97 9.01
N ALA A 187 -10.51 35.42 9.89
CA ALA A 187 -10.96 36.15 11.06
C ALA A 187 -9.87 36.23 12.13
N LEU A 188 -9.01 35.22 12.22
CA LEU A 188 -7.92 35.19 13.19
C LEU A 188 -6.61 35.75 12.66
N LEU A 189 -6.59 36.19 11.39
CA LEU A 189 -5.36 36.74 10.83
C LEU A 189 -4.87 37.99 11.55
N PRO A 190 -5.70 38.99 11.86
CA PRO A 190 -5.16 40.21 12.50
C PRO A 190 -4.49 39.97 13.83
N GLU A 191 -4.78 38.85 14.50
CA GLU A 191 -4.13 38.56 15.78
C GLU A 191 -2.83 37.80 15.61
N PHE A 192 -2.81 36.78 14.76
CA PHE A 192 -1.66 35.90 14.63
C PHE A 192 -0.66 36.34 13.57
N LEU A 193 -1.06 37.23 12.66
CA LEU A 193 -0.15 37.72 11.62
C LEU A 193 0.63 38.90 12.20
N GLU A 194 1.89 38.66 12.56
CA GLU A 194 2.72 39.68 13.19
C GLU A 194 4.16 39.49 12.75
N GLU A 195 4.98 40.50 13.01
CA GLU A 195 6.39 40.43 12.67
C GLU A 195 7.13 39.49 13.62
N PHE A 196 8.35 39.13 13.25
CA PHE A 196 9.16 38.19 14.01
C PHE A 196 10.23 38.93 14.78
N PRO A 197 10.26 38.84 16.12
CA PRO A 197 11.36 39.43 16.86
C PRO A 197 12.68 38.71 16.57
N GLU A 198 13.77 39.45 16.69
CA GLU A 198 15.08 38.91 16.40
C GLU A 198 15.48 37.87 17.45
N LEU A 199 16.20 36.84 17.01
CA LEU A 199 16.67 35.80 17.92
C LEU A 199 17.84 36.32 18.73
N GLU A 200 17.67 36.40 20.05
CA GLU A 200 18.73 36.86 20.92
C GLU A 200 19.77 35.76 21.11
N PRO A 201 21.06 36.06 20.98
CA PRO A 201 22.09 35.04 21.18
C PRO A 201 22.19 34.64 22.65
N ASN A 202 22.85 33.51 22.87
CA ASN A 202 23.01 32.97 24.21
C ASN A 202 23.99 33.80 25.03
N SER A 203 23.82 33.74 26.35
CA SER A 203 24.74 34.35 27.31
C SER A 203 25.64 33.34 28.00
N VAL A 204 25.12 32.18 28.35
CA VAL A 204 25.90 31.07 28.91
C VAL A 204 26.05 30.02 27.83
N THR A 205 27.30 29.64 27.53
CA THR A 205 27.56 28.80 26.37
C THR A 205 27.17 27.34 26.61
N PRO A 206 27.74 26.64 27.61
CA PRO A 206 27.41 25.21 27.67
C PRO A 206 26.28 24.89 28.63
N GLU A 216 27.10 14.42 16.59
CA GLU A 216 27.80 13.70 15.53
C GLU A 216 28.14 14.63 14.36
N THR A 217 29.11 14.23 13.55
CA THR A 217 29.51 15.04 12.41
C THR A 217 28.47 14.91 11.30
N LEU A 218 27.98 16.06 10.82
CA LEU A 218 26.99 16.04 9.75
C LEU A 218 27.58 15.54 8.45
N SER A 219 28.87 15.78 8.20
CA SER A 219 29.51 15.25 7.00
C SER A 219 29.56 13.73 7.02
N ASP A 220 29.91 13.15 8.17
CA ASP A 220 29.99 11.70 8.27
C ASP A 220 28.63 11.04 8.10
N VAL A 221 27.58 11.62 8.68
CA VAL A 221 26.25 11.07 8.52
C VAL A 221 25.72 11.28 7.10
N LEU A 222 26.34 12.18 6.33
CA LEU A 222 25.94 12.37 4.95
C LEU A 222 26.49 11.28 4.04
N GLU A 223 27.76 10.91 4.23
CA GLU A 223 28.36 9.87 3.39
C GLU A 223 27.78 8.50 3.70
N THR A 224 27.47 8.24 4.97
CA THR A 224 26.88 6.94 5.33
C THR A 224 25.45 6.82 4.81
N GLY A 225 24.76 7.94 4.61
CA GLY A 225 23.41 7.92 4.10
C GLY A 225 23.33 7.71 2.60
N VAL A 226 24.18 8.42 1.85
CA VAL A 226 24.17 8.27 0.40
C VAL A 226 24.68 6.90 -0.01
N LYS A 227 25.56 6.29 0.79
CA LYS A 227 26.03 4.94 0.49
C LYS A 227 24.92 3.91 0.66
N ALA A 228 24.01 4.13 1.61
CA ALA A 228 22.90 3.22 1.81
C ALA A 228 21.74 3.46 0.87
N LEU A 229 21.68 4.63 0.22
CA LEU A 229 20.63 4.95 -0.72
C LEU A 229 21.08 4.89 -2.17
N LEU A 230 22.35 4.56 -2.42
CA LEU A 230 22.84 4.47 -3.79
C LEU A 230 22.15 3.39 -4.61
N PRO A 231 21.99 2.15 -4.12
CA PRO A 231 21.32 1.13 -4.97
C PRO A 231 19.90 1.48 -5.35
N GLU A 232 19.19 2.27 -4.54
CA GLU A 232 17.81 2.64 -4.82
C GLU A 232 17.70 3.93 -5.62
N ARG A 233 18.80 4.42 -6.19
CA ARG A 233 18.78 5.64 -6.98
C ARG A 233 18.05 5.44 -8.29
N ALA A 234 17.32 6.47 -8.71
CA ALA A 234 16.64 6.44 -10.00
C ALA A 234 17.66 6.63 -11.11
N LEU A 235 17.63 5.74 -12.10
CA LEU A 235 18.62 5.72 -13.16
C LEU A 235 17.95 5.67 -14.53
N LEU A 236 18.73 5.97 -15.56
CA LEU A 236 18.30 5.92 -16.94
C LEU A 236 18.83 4.64 -17.59
N LYS A 237 18.65 4.53 -18.91
CA LYS A 237 19.11 3.35 -19.63
C LYS A 237 20.63 3.22 -19.57
N ASN A 238 21.34 4.34 -19.67
CA ASN A 238 22.80 4.35 -19.67
C ASN A 238 23.41 4.45 -18.28
N LYS A 239 22.69 3.98 -17.26
CA LYS A 239 23.16 4.01 -15.87
C LYS A 239 23.44 5.42 -15.39
N ASP A 240 22.70 6.40 -15.93
CA ASP A 240 22.86 7.78 -15.54
CA ASP A 240 22.86 7.78 -15.53
C ASP A 240 21.69 8.21 -14.66
N PRO A 241 21.95 8.77 -13.48
CA PRO A 241 20.84 9.18 -12.60
C PRO A 241 19.91 10.18 -13.27
N LEU A 242 18.65 10.12 -12.89
CA LEU A 242 17.62 10.99 -13.46
CA LEU A 242 17.62 10.99 -13.46
C LEU A 242 17.48 12.31 -12.72
N PHE A 243 17.84 12.35 -11.44
CA PHE A 243 17.67 13.56 -10.66
C PHE A 243 18.64 14.66 -11.11
N GLU A 244 18.13 15.89 -11.16
CA GLU A 244 18.94 17.06 -11.48
C GLU A 244 18.98 17.97 -10.25
N PRO A 245 20.04 17.94 -9.46
CA PRO A 245 20.06 18.66 -8.18
C PRO A 245 20.33 20.16 -8.30
N TRP A 246 20.55 20.69 -9.50
CA TRP A 246 20.88 22.09 -9.66
C TRP A 246 19.65 22.99 -9.77
N HIS A 247 18.45 22.42 -9.75
CA HIS A 247 17.24 23.24 -9.87
C HIS A 247 16.95 24.00 -8.58
N PHE A 248 17.08 23.35 -7.43
CA PHE A 248 16.82 23.98 -6.14
C PHE A 248 17.89 23.53 -5.15
N GLU A 249 18.91 24.35 -4.93
CA GLU A 249 19.83 24.01 -3.86
CA GLU A 249 19.84 24.02 -3.85
C GLU A 249 19.24 24.42 -2.52
N PRO A 250 19.39 23.60 -1.48
CA PRO A 250 18.73 23.87 -0.20
C PRO A 250 19.48 24.91 0.62
N GLY A 251 18.96 25.14 1.82
CA GLY A 251 19.53 26.11 2.73
C GLY A 251 18.57 27.23 3.08
N GLU A 252 18.74 27.83 4.26
CA GLU A 252 17.90 28.96 4.66
C GLU A 252 18.18 30.18 3.79
N LYS A 253 19.44 30.40 3.42
CA LYS A 253 19.78 31.53 2.57
C LYS A 253 19.18 31.37 1.17
N ALA A 254 19.23 30.16 0.62
CA ALA A 254 18.66 29.93 -0.71
C ALA A 254 17.15 30.04 -0.71
N ALA A 255 16.50 29.67 0.40
CA ALA A 255 15.05 29.79 0.48
C ALA A 255 14.61 31.25 0.43
N LYS A 256 15.39 32.16 1.01
CA LYS A 256 15.06 33.58 0.95
C LYS A 256 15.14 34.11 -0.48
N LYS A 257 16.17 33.71 -1.23
CA LYS A 257 16.33 34.21 -2.59
C LYS A 257 15.17 33.77 -3.49
N VAL A 258 14.70 32.53 -3.32
CA VAL A 258 13.57 32.05 -4.10
C VAL A 258 12.32 32.89 -3.79
N MET A 259 12.10 33.17 -2.52
CA MET A 259 10.96 34.01 -2.12
C MET A 259 11.10 35.43 -2.68
N GLU A 260 12.31 36.01 -2.59
CA GLU A 260 12.50 37.36 -3.09
C GLU A 260 12.27 37.45 -4.58
N SER A 261 12.77 36.47 -5.35
CA SER A 261 12.60 36.51 -6.80
C SER A 261 11.15 36.28 -7.20
N PHE A 262 10.37 35.59 -6.37
CA PHE A 262 8.97 35.35 -6.71
C PHE A 262 8.13 36.61 -6.57
N ILE A 263 8.37 37.39 -5.51
CA ILE A 263 7.60 38.61 -5.30
C ILE A 263 7.92 39.65 -6.36
N ALA A 264 9.18 39.76 -6.75
CA ALA A 264 9.59 40.82 -7.66
C ALA A 264 9.38 40.46 -9.13
N ASP A 265 9.44 39.17 -9.47
CA ASP A 265 9.40 38.76 -10.87
C ASP A 265 8.22 37.85 -11.22
N ARG A 266 7.71 37.06 -10.28
CA ARG A 266 6.70 36.06 -10.60
C ARG A 266 5.37 36.26 -9.89
N LEU A 267 5.29 37.15 -8.91
CA LEU A 267 4.03 37.33 -8.19
C LEU A 267 2.98 38.02 -9.06
N ASP A 268 3.41 38.94 -9.93
CA ASP A 268 2.45 39.69 -10.74
C ASP A 268 1.67 38.78 -11.68
N SER A 269 2.35 37.82 -12.30
CA SER A 269 1.72 36.92 -13.26
C SER A 269 1.25 35.61 -12.65
N TYR A 270 1.22 35.53 -11.31
CA TYR A 270 0.83 34.28 -10.66
C TYR A 270 -0.66 33.98 -10.88
N GLY A 271 -1.52 34.98 -10.66
CA GLY A 271 -2.95 34.74 -10.71
C GLY A 271 -3.48 34.37 -12.09
N ALA A 272 -2.69 34.63 -13.14
CA ALA A 272 -3.10 34.31 -14.50
C ALA A 272 -2.36 33.13 -15.11
N LEU A 273 -1.16 32.80 -14.61
CA LEU A 273 -0.33 31.76 -15.21
C LEU A 273 0.09 30.72 -14.18
N ARG A 274 -0.72 30.52 -13.13
CA ARG A 274 -0.39 29.49 -12.14
C ARG A 274 -0.76 28.09 -12.60
N ASN A 275 -1.65 27.96 -13.59
CA ASN A 275 -2.10 26.67 -14.08
C ASN A 275 -1.44 26.29 -15.41
N ASP A 276 -0.39 26.99 -15.79
CA ASP A 276 0.32 26.70 -17.04
C ASP A 276 1.65 26.04 -16.72
N PRO A 277 1.81 24.73 -16.94
CA PRO A 277 3.10 24.09 -16.65
C PRO A 277 4.23 24.52 -17.57
N THR A 278 3.91 25.06 -18.75
CA THR A 278 4.96 25.54 -19.65
C THR A 278 5.60 26.83 -19.14
N LYS A 279 4.93 27.55 -18.25
CA LYS A 279 5.45 28.79 -17.68
C LYS A 279 5.91 28.53 -16.25
N ASN A 280 7.16 28.90 -15.96
CA ASN A 280 7.72 28.74 -14.62
C ASN A 280 7.38 29.98 -13.78
N MET A 281 6.10 30.07 -13.41
CA MET A 281 5.59 31.19 -12.64
C MET A 281 5.08 30.80 -11.27
N LEU A 282 5.38 29.59 -10.80
CA LEU A 282 5.06 29.23 -9.43
C LEU A 282 6.16 29.74 -8.49
N SER A 283 5.84 29.76 -7.19
CA SER A 283 6.79 30.28 -6.22
C SER A 283 7.95 29.31 -5.98
N ASN A 284 7.77 28.02 -6.27
CA ASN A 284 8.80 27.01 -6.07
C ASN A 284 9.29 26.99 -4.62
N LEU A 285 8.38 27.19 -3.69
CA LEU A 285 8.70 27.29 -2.28
C LEU A 285 8.37 26.03 -1.48
N SER A 286 7.71 25.05 -2.09
CA SER A 286 7.32 23.85 -1.35
C SER A 286 8.51 23.06 -0.79
N PRO A 287 9.61 22.82 -1.53
CA PRO A 287 10.71 22.07 -0.91
C PRO A 287 11.29 22.75 0.32
N TYR A 288 11.35 24.08 0.33
CA TYR A 288 11.82 24.80 1.50
C TYR A 288 10.75 24.84 2.59
N LEU A 289 9.48 24.96 2.21
CA LEU A 289 8.41 25.02 3.20
C LEU A 289 8.18 23.67 3.87
N HIS A 290 8.41 22.57 3.15
CA HIS A 290 8.23 21.26 3.75
C HIS A 290 9.25 20.99 4.85
N PHE A 291 10.52 21.25 4.55
CA PHE A 291 11.59 21.05 5.53
C PHE A 291 11.67 22.16 6.55
N GLY A 292 10.87 23.21 6.41
CA GLY A 292 10.90 24.31 7.35
C GLY A 292 12.09 25.24 7.19
N GLN A 293 12.69 25.28 6.01
CA GLN A 293 13.82 26.16 5.76
C GLN A 293 13.40 27.62 5.58
N ILE A 294 12.10 27.89 5.47
CA ILE A 294 11.59 29.25 5.41
C ILE A 294 10.21 29.25 6.04
N SER A 295 9.88 30.33 6.74
CA SER A 295 8.59 30.44 7.43
C SER A 295 7.52 30.92 6.46
N SER A 296 6.39 30.21 6.44
CA SER A 296 5.26 30.64 5.62
C SER A 296 4.70 31.98 6.12
N GLN A 297 4.82 32.25 7.41
CA GLN A 297 4.39 33.54 7.94
C GLN A 297 5.24 34.68 7.38
N ARG A 298 6.54 34.45 7.25
CA ARG A 298 7.41 35.45 6.64
C ARG A 298 7.03 35.70 5.19
N VAL A 299 6.62 34.64 4.47
CA VAL A 299 6.17 34.81 3.09
C VAL A 299 4.92 35.70 3.04
N VAL A 300 3.98 35.49 3.96
CA VAL A 300 2.77 36.30 3.99
C VAL A 300 3.11 37.75 4.29
N LEU A 301 4.04 37.99 5.21
CA LEU A 301 4.39 39.35 5.59
C LEU A 301 4.91 40.15 4.40
N GLU A 302 5.78 39.54 3.60
CA GLU A 302 6.34 40.23 2.44
C GLU A 302 5.34 40.32 1.29
N VAL A 303 4.48 39.31 1.13
CA VAL A 303 3.47 39.35 0.08
C VAL A 303 2.43 40.42 0.38
N GLU A 304 2.05 40.57 1.65
CA GLU A 304 1.02 41.55 2.01
C GLU A 304 1.47 42.97 1.72
N LYS A 305 2.75 43.27 1.91
CA LYS A 305 3.28 44.61 1.76
C LYS A 305 3.75 44.92 0.34
N ALA A 306 3.55 44.00 -0.60
CA ALA A 306 4.01 44.18 -1.97
C ALA A 306 2.90 44.75 -2.83
N GLU A 307 3.25 45.69 -3.71
CA GLU A 307 2.29 46.32 -4.62
C GLU A 307 2.30 45.55 -5.94
N SER A 308 1.68 44.38 -5.90
CA SER A 308 1.51 43.49 -7.04
C SER A 308 0.10 43.64 -7.62
N ASN A 309 -0.26 42.71 -8.51
CA ASN A 309 -1.62 42.65 -9.01
C ASN A 309 -2.55 42.14 -7.90
N PRO A 310 -3.66 42.83 -7.63
CA PRO A 310 -4.55 42.37 -6.55
C PRO A 310 -5.13 40.97 -6.77
N GLY A 311 -5.43 40.62 -8.02
CA GLY A 311 -5.96 39.29 -8.30
C GLY A 311 -4.94 38.20 -8.03
N SER A 312 -3.67 38.46 -8.31
CA SER A 312 -2.62 37.47 -8.07
C SER A 312 -2.34 37.30 -6.59
N LYS A 313 -2.42 38.41 -5.83
CA LYS A 313 -2.15 38.33 -4.39
C LYS A 313 -3.21 37.50 -3.67
N LYS A 314 -4.48 37.70 -4.00
CA LYS A 314 -5.54 36.91 -3.37
C LYS A 314 -5.42 35.44 -3.76
N ALA A 315 -5.10 35.16 -5.02
CA ALA A 315 -4.94 33.78 -5.46
C ALA A 315 -3.77 33.10 -4.74
N PHE A 316 -2.66 33.82 -4.56
CA PHE A 316 -1.52 33.23 -3.88
C PHE A 316 -1.76 33.11 -2.37
N LEU A 317 -2.43 34.10 -1.77
CA LEU A 317 -2.70 34.04 -0.34
C LEU A 317 -3.62 32.88 0.00
N ASP A 318 -4.59 32.58 -0.86
CA ASP A 318 -5.47 31.44 -0.63
C ASP A 318 -4.74 30.11 -0.73
N GLU A 319 -3.58 30.07 -1.40
CA GLU A 319 -2.84 28.84 -1.60
C GLU A 319 -1.94 28.49 -0.42
N ILE A 320 -1.22 29.48 0.13
CA ILE A 320 -0.28 29.22 1.21
CA ILE A 320 -0.29 29.20 1.21
C ILE A 320 -0.91 29.38 2.59
N LEU A 321 -2.07 30.05 2.69
CA LEU A 321 -2.74 30.23 3.97
C LEU A 321 -3.89 29.25 4.16
N ILE A 322 -4.87 29.27 3.25
CA ILE A 322 -6.04 28.43 3.41
C ILE A 322 -5.70 26.98 3.12
N TRP A 323 -5.10 26.72 1.96
CA TRP A 323 -4.93 25.35 1.48
C TRP A 323 -3.66 24.68 1.98
N LYS A 324 -2.73 25.44 2.57
CA LYS A 324 -1.57 24.83 3.20
C LYS A 324 -1.85 24.43 4.65
N GLU A 325 -2.59 25.26 5.37
CA GLU A 325 -2.91 25.00 6.77
C GLU A 325 -4.16 24.16 6.96
N ILE A 326 -4.98 23.98 5.91
CA ILE A 326 -6.10 23.05 6.01
C ILE A 326 -5.64 21.62 5.79
N SER A 327 -4.51 21.41 5.13
CA SER A 327 -3.94 20.07 5.04
C SER A 327 -3.42 19.62 6.40
N ASP A 328 -2.84 20.54 7.17
CA ASP A 328 -2.49 20.23 8.55
C ASP A 328 -3.73 19.93 9.37
N ASN A 329 -4.81 20.67 9.14
CA ASN A 329 -6.07 20.40 9.81
C ASN A 329 -6.62 19.04 9.41
N PHE A 330 -6.46 18.65 8.15
CA PHE A 330 -6.96 17.36 7.68
C PHE A 330 -6.22 16.21 8.34
N CYS A 331 -4.88 16.29 8.39
CA CYS A 331 -4.10 15.20 8.96
C CYS A 331 -4.21 15.17 10.48
N TYR A 332 -4.48 16.31 11.11
CA TYR A 332 -4.53 16.35 12.57
C TYR A 332 -5.79 15.69 13.11
N TYR A 333 -6.94 15.90 12.46
CA TYR A 333 -8.21 15.38 12.92
C TYR A 333 -8.63 14.11 12.20
N ASN A 334 -7.76 13.55 11.35
CA ASN A 334 -8.03 12.29 10.67
C ASN A 334 -6.77 11.42 10.75
N PRO A 335 -6.71 10.49 11.69
CA PRO A 335 -5.52 9.63 11.81
C PRO A 335 -5.30 8.74 10.59
N GLY A 336 -6.32 8.50 9.78
CA GLY A 336 -6.18 7.70 8.58
C GLY A 336 -6.15 8.54 7.32
N TYR A 337 -5.40 9.65 7.37
CA TYR A 337 -5.39 10.60 6.26
C TYR A 337 -4.86 10.01 4.97
N ASP A 338 -4.09 8.92 5.04
CA ASP A 338 -3.55 8.24 3.87
C ASP A 338 -4.27 6.93 3.60
N GLY A 339 -5.59 6.91 3.83
CA GLY A 339 -6.37 5.70 3.65
C GLY A 339 -7.72 6.00 3.03
N PHE A 340 -8.37 4.93 2.57
CA PHE A 340 -9.68 5.04 1.95
C PHE A 340 -10.77 5.43 2.94
N GLU A 341 -10.55 5.17 4.24
CA GLU A 341 -11.57 5.47 5.24
CA GLU A 341 -11.57 5.47 5.24
C GLU A 341 -11.77 6.97 5.44
N SER A 342 -10.72 7.77 5.24
CA SER A 342 -10.83 9.20 5.43
C SER A 342 -11.64 9.88 4.34
N PHE A 343 -12.00 9.17 3.27
CA PHE A 343 -12.81 9.75 2.20
C PHE A 343 -14.24 10.00 2.70
N PRO A 344 -14.93 10.98 2.11
CA PRO A 344 -16.32 11.25 2.53
C PRO A 344 -17.25 10.12 2.14
N SER A 345 -18.46 10.16 2.72
CA SER A 345 -19.44 9.10 2.48
C SER A 345 -19.86 9.03 1.02
N TRP A 346 -20.07 10.19 0.39
CA TRP A 346 -20.51 10.19 -1.00
C TRP A 346 -19.44 9.62 -1.93
N ALA A 347 -18.17 9.89 -1.65
CA ALA A 347 -17.09 9.38 -2.49
C ALA A 347 -16.88 7.89 -2.28
N LYS A 348 -16.96 7.43 -1.02
CA LYS A 348 -16.78 6.01 -0.75
C LYS A 348 -17.88 5.18 -1.40
N GLU A 349 -19.12 5.64 -1.32
CA GLU A 349 -20.23 4.93 -1.96
C GLU A 349 -20.12 4.96 -3.47
N SER A 350 -19.61 6.06 -4.04
CA SER A 350 -19.46 6.15 -5.49
C SER A 350 -18.32 5.26 -5.99
N LEU A 351 -17.19 5.27 -5.28
CA LEU A 351 -16.05 4.46 -5.70
C LEU A 351 -16.31 2.97 -5.52
N ASN A 352 -17.05 2.60 -4.48
CA ASN A 352 -17.34 1.19 -4.23
C ASN A 352 -18.23 0.60 -5.32
N ALA A 353 -19.18 1.39 -5.82
CA ALA A 353 -20.10 0.90 -6.83
C ALA A 353 -19.42 0.64 -8.17
N HIS A 354 -18.27 1.26 -8.43
CA HIS A 354 -17.55 1.10 -9.67
C HIS A 354 -16.30 0.24 -9.52
N ARG A 355 -16.22 -0.56 -8.46
CA ARG A 355 -15.06 -1.42 -8.25
C ARG A 355 -14.97 -2.50 -9.32
N ASN A 356 -16.11 -3.04 -9.75
CA ASN A 356 -16.14 -4.10 -10.75
C ASN A 356 -16.13 -3.59 -12.18
N ASP A 357 -16.10 -2.27 -12.37
CA ASP A 357 -16.06 -1.71 -13.71
C ASP A 357 -14.76 -2.07 -14.41
N VAL A 358 -14.85 -2.39 -15.70
CA VAL A 358 -13.68 -2.74 -16.47
C VAL A 358 -12.87 -1.49 -16.76
N ARG A 359 -11.58 -1.51 -16.40
CA ARG A 359 -10.71 -0.37 -16.64
C ARG A 359 -10.17 -0.42 -18.05
N SER A 360 -10.00 0.77 -18.65
CA SER A 360 -9.45 0.84 -20.00
C SER A 360 -8.04 0.29 -20.04
N HIS A 361 -7.23 0.59 -19.05
CA HIS A 361 -5.87 0.08 -18.94
C HIS A 361 -5.55 -0.21 -17.49
N ILE A 362 -4.66 -1.18 -17.28
CA ILE A 362 -4.22 -1.57 -15.94
C ILE A 362 -2.70 -1.51 -15.92
N TYR A 363 -2.15 -0.62 -15.11
CA TYR A 363 -0.71 -0.46 -14.96
C TYR A 363 -0.31 -0.75 -13.53
N THR A 364 0.86 -1.38 -13.36
CA THR A 364 1.39 -1.66 -12.04
C THR A 364 2.19 -0.48 -11.52
N LEU A 365 2.78 -0.64 -10.33
CA LEU A 365 3.59 0.43 -9.77
C LEU A 365 4.83 0.71 -10.61
N GLU A 366 5.46 -0.35 -11.12
CA GLU A 366 6.68 -0.18 -11.90
C GLU A 366 6.42 0.56 -13.20
N GLU A 367 5.29 0.26 -13.87
CA GLU A 367 4.96 0.95 -15.11
C GLU A 367 4.65 2.42 -14.87
N PHE A 368 3.95 2.72 -13.78
CA PHE A 368 3.70 4.12 -13.43
C PHE A 368 4.99 4.84 -13.03
N GLU A 369 5.91 4.13 -12.37
CA GLU A 369 7.15 4.75 -11.93
C GLU A 369 8.05 5.13 -13.11
N ALA A 370 8.16 4.24 -14.10
CA ALA A 370 9.04 4.48 -15.23
C ALA A 370 8.40 5.31 -16.33
N GLY A 371 7.14 5.70 -16.18
CA GLY A 371 6.45 6.46 -17.21
C GLY A 371 6.21 5.65 -18.47
N LYS A 372 5.62 4.46 -18.31
CA LYS A 372 5.40 3.53 -19.41
C LYS A 372 3.91 3.37 -19.71
N THR A 373 3.18 4.48 -19.69
CA THR A 373 1.75 4.48 -20.00
C THR A 373 1.52 4.95 -21.43
N HIS A 374 0.29 4.75 -21.90
CA HIS A 374 -0.09 5.14 -23.26
C HIS A 374 -0.24 6.65 -23.41
N ASP A 375 -0.38 7.38 -22.32
CA ASP A 375 -0.60 8.82 -22.38
C ASP A 375 0.73 9.55 -22.38
N PRO A 376 1.10 10.24 -23.47
CA PRO A 376 2.33 11.04 -23.44
C PRO A 376 2.29 12.20 -22.45
N LEU A 377 1.10 12.69 -22.11
CA LEU A 377 1.00 13.77 -21.13
C LEU A 377 1.31 13.27 -19.73
N TRP A 378 0.76 12.11 -19.36
CA TRP A 378 1.05 11.55 -18.03
C TRP A 378 2.52 11.16 -17.91
N ASN A 379 3.09 10.55 -18.95
CA ASN A 379 4.49 10.17 -18.91
C ASN A 379 5.40 11.39 -18.79
N ALA A 380 5.06 12.47 -19.50
CA ALA A 380 5.84 13.70 -19.39
C ALA A 380 5.75 14.29 -17.99
N SER A 381 4.56 14.22 -17.37
CA SER A 381 4.40 14.73 -16.01
C SER A 381 5.27 13.95 -15.03
N GLN A 382 5.31 12.62 -15.16
CA GLN A 382 6.16 11.81 -14.30
C GLN A 382 7.64 12.11 -14.55
N MET A 383 8.00 12.44 -15.78
CA MET A 383 9.41 12.73 -16.08
C MET A 383 9.86 14.04 -15.46
N GLU A 384 8.98 15.04 -15.40
CA GLU A 384 9.29 16.27 -14.67
C GLU A 384 9.53 15.96 -13.19
N LEU A 385 8.78 15.00 -12.64
CA LEU A 385 9.00 14.60 -11.26
C LEU A 385 10.31 13.85 -11.09
N LEU A 386 10.61 12.92 -12.01
CA LEU A 386 11.81 12.11 -11.87
C LEU A 386 13.09 12.88 -12.21
N SER A 387 12.99 13.99 -12.92
CA SER A 387 14.17 14.76 -13.31
C SER A 387 14.46 15.91 -12.36
N THR A 388 13.45 16.66 -11.94
CA THR A 388 13.65 17.83 -11.09
C THR A 388 13.27 17.61 -9.63
N GLY A 389 12.56 16.52 -9.32
CA GLY A 389 12.06 16.32 -7.99
C GLY A 389 10.82 17.12 -7.65
N LYS A 390 10.34 17.94 -8.59
CA LYS A 390 9.16 18.76 -8.38
C LYS A 390 8.32 18.72 -9.65
N MET A 391 7.01 18.55 -9.50
CA MET A 391 6.09 18.49 -10.62
C MET A 391 5.15 19.69 -10.53
N HIS A 392 4.79 20.24 -11.68
CA HIS A 392 3.97 21.45 -11.71
C HIS A 392 2.64 21.21 -11.01
N GLY A 393 2.16 22.25 -10.33
CA GLY A 393 0.95 22.11 -9.51
C GLY A 393 -0.27 21.70 -10.30
N TYR A 394 -0.36 22.13 -11.57
CA TYR A 394 -1.51 21.74 -12.39
C TYR A 394 -1.43 20.28 -12.80
N THR A 395 -0.26 19.84 -13.28
CA THR A 395 -0.13 18.47 -13.78
C THR A 395 -0.21 17.43 -12.67
N ARG A 396 -0.03 17.84 -11.42
CA ARG A 396 -0.14 16.89 -10.31
C ARG A 396 -1.56 16.34 -10.18
N MET A 397 -2.56 17.11 -10.58
CA MET A 397 -3.93 16.62 -10.54
C MET A 397 -4.13 15.53 -11.59
N TYR A 398 -3.72 15.83 -12.83
CA TYR A 398 -3.85 14.87 -13.92
C TYR A 398 -2.98 13.66 -13.67
N TRP A 399 -1.83 13.83 -13.01
CA TRP A 399 -0.97 12.70 -12.69
C TRP A 399 -1.63 11.75 -11.71
N ALA A 400 -2.33 12.29 -10.70
CA ALA A 400 -2.96 11.48 -9.67
C ALA A 400 -4.32 10.95 -10.09
N LYS A 401 -5.10 11.75 -10.83
CA LYS A 401 -6.44 11.31 -11.23
C LYS A 401 -6.37 10.20 -12.27
N LYS A 402 -5.33 10.19 -13.11
CA LYS A 402 -5.16 9.14 -14.09
C LYS A 402 -4.69 7.83 -13.46
N ILE A 403 -4.04 7.89 -12.31
CA ILE A 403 -3.69 6.67 -11.59
C ILE A 403 -4.94 5.93 -11.15
N LEU A 404 -5.94 6.67 -10.63
CA LEU A 404 -7.19 6.06 -10.22
C LEU A 404 -7.91 5.43 -11.39
N GLU A 405 -7.82 6.04 -12.58
CA GLU A 405 -8.50 5.51 -13.75
C GLU A 405 -7.81 4.27 -14.31
N TRP A 406 -6.51 4.12 -14.05
CA TRP A 406 -5.76 3.02 -14.64
C TRP A 406 -5.14 2.12 -13.57
N SER A 407 -5.92 1.77 -12.55
CA SER A 407 -5.44 0.91 -11.47
CA SER A 407 -5.44 0.91 -11.47
C SER A 407 -6.48 -0.18 -11.20
N GLU A 408 -6.04 -1.19 -10.44
CA GLU A 408 -6.94 -2.30 -10.11
C GLU A 408 -8.08 -1.85 -9.21
N SER A 409 -7.79 -1.02 -8.22
CA SER A 409 -8.78 -0.65 -7.21
C SER A 409 -8.41 0.73 -6.67
N PRO A 410 -9.36 1.43 -6.04
CA PRO A 410 -9.01 2.71 -5.40
C PRO A 410 -7.94 2.58 -4.34
N GLU A 411 -7.88 1.45 -3.64
CA GLU A 411 -6.82 1.24 -2.65
C GLU A 411 -5.45 1.19 -3.32
N LYS A 412 -5.34 0.48 -4.44
CA LYS A 412 -4.07 0.41 -5.15
C LYS A 412 -3.71 1.75 -5.76
N ALA A 413 -4.70 2.51 -6.23
CA ALA A 413 -4.45 3.85 -6.74
C ALA A 413 -3.92 4.76 -5.64
N LEU A 414 -4.50 4.66 -4.45
CA LEU A 414 -4.01 5.45 -3.32
C LEU A 414 -2.61 5.01 -2.91
N GLU A 415 -2.32 3.71 -2.99
CA GLU A 415 -1.00 3.23 -2.61
C GLU A 415 0.06 3.66 -3.61
N ILE A 416 -0.24 3.59 -4.91
CA ILE A 416 0.74 3.96 -5.92
C ILE A 416 0.99 5.47 -5.90
N ALA A 417 -0.08 6.26 -5.79
CA ALA A 417 0.08 7.72 -5.79
C ALA A 417 0.90 8.18 -4.60
N ILE A 418 0.63 7.62 -3.41
CA ILE A 418 1.35 8.03 -2.22
C ILE A 418 2.82 7.59 -2.30
N CYS A 419 3.06 6.39 -2.82
CA CYS A 419 4.44 5.89 -2.92
C CYS A 419 5.26 6.75 -3.86
N LEU A 420 4.74 7.03 -5.05
CA LEU A 420 5.49 7.85 -6.01
C LEU A 420 5.60 9.29 -5.53
N ASN A 421 4.64 9.77 -4.76
CA ASN A 421 4.71 11.14 -4.25
C ASN A 421 5.77 11.28 -3.17
N ASP A 422 5.81 10.33 -2.22
CA ASP A 422 6.73 10.43 -1.11
C ASP A 422 8.16 10.05 -1.49
N ARG A 423 8.35 9.35 -2.60
CA ARG A 423 9.68 8.88 -2.98
C ARG A 423 10.43 9.88 -3.86
N TYR A 424 9.72 10.58 -4.76
CA TYR A 424 10.38 11.42 -5.75
C TYR A 424 10.11 12.91 -5.60
N GLU A 425 9.03 13.31 -4.92
CA GLU A 425 8.76 14.72 -4.73
C GLU A 425 9.65 15.27 -3.61
N LEU A 426 10.26 16.42 -3.87
CA LEU A 426 11.09 17.06 -2.83
CA LEU A 426 11.08 17.05 -2.84
C LEU A 426 10.23 17.51 -1.65
N ASP A 427 8.97 17.87 -1.90
CA ASP A 427 8.05 18.27 -0.86
C ASP A 427 7.18 17.11 -0.38
N GLY A 428 7.59 15.88 -0.63
CA GLY A 428 6.82 14.71 -0.24
C GLY A 428 6.89 14.48 1.26
N ARG A 429 6.13 13.47 1.69
CA ARG A 429 5.98 13.14 3.12
C ARG A 429 5.51 14.37 3.91
N ASP A 430 4.53 15.07 3.34
CA ASP A 430 4.00 16.31 3.89
C ASP A 430 2.49 16.22 3.99
N PRO A 431 1.89 16.90 4.97
CA PRO A 431 0.42 16.94 5.02
C PRO A 431 -0.21 17.52 3.77
N ASN A 432 0.48 18.41 3.07
CA ASN A 432 -0.02 18.90 1.79
C ASN A 432 -0.13 17.78 0.77
N GLY A 433 0.76 16.78 0.84
CA GLY A 433 0.72 15.69 -0.12
C GLY A 433 -0.45 14.75 0.12
N TYR A 434 -0.64 14.32 1.36
CA TYR A 434 -1.72 13.38 1.66
C TYR A 434 -3.09 14.01 1.42
N ALA A 435 -3.26 15.27 1.82
CA ALA A 435 -4.50 15.97 1.52
C ALA A 435 -4.67 16.19 0.02
N GLY A 436 -3.58 16.52 -0.68
CA GLY A 436 -3.66 16.72 -2.11
C GLY A 436 -3.98 15.44 -2.87
N ILE A 437 -3.42 14.31 -2.42
CA ILE A 437 -3.72 13.03 -3.05
C ILE A 437 -5.15 12.62 -2.75
N ALA A 438 -5.60 12.80 -1.51
CA ALA A 438 -6.98 12.49 -1.16
C ALA A 438 -7.97 13.37 -1.90
N TRP A 439 -7.56 14.59 -2.26
CA TRP A 439 -8.39 15.45 -3.09
C TRP A 439 -8.64 14.82 -4.45
N SER A 440 -7.57 14.33 -5.09
CA SER A 440 -7.65 13.84 -6.46
C SER A 440 -8.34 12.50 -6.56
N ILE A 441 -8.19 11.65 -5.55
CA ILE A 441 -8.71 10.29 -5.60
C ILE A 441 -10.00 10.15 -4.79
N GLY A 442 -10.00 10.64 -3.56
CA GLY A 442 -11.15 10.51 -2.67
C GLY A 442 -12.07 11.70 -2.60
N GLY A 443 -11.82 12.75 -3.36
CA GLY A 443 -12.69 13.90 -3.35
C GLY A 443 -12.72 14.67 -2.05
N VAL A 444 -11.71 14.50 -1.20
CA VAL A 444 -11.66 15.22 0.07
C VAL A 444 -11.50 16.72 -0.21
N HIS A 445 -12.29 17.52 0.51
CA HIS A 445 -12.34 18.97 0.31
C HIS A 445 -12.80 19.32 -1.11
N ASP A 446 -13.62 18.45 -1.70
CA ASP A 446 -14.17 18.65 -3.03
C ASP A 446 -15.65 18.29 -2.99
N ARG A 447 -16.30 18.31 -4.15
CA ARG A 447 -17.70 17.95 -4.27
C ARG A 447 -17.86 16.93 -5.40
N ALA A 448 -19.09 16.46 -5.57
CA ALA A 448 -19.38 15.47 -6.60
C ALA A 448 -19.48 16.13 -7.98
N TRP A 449 -19.34 15.31 -9.01
CA TRP A 449 -19.36 15.77 -10.39
C TRP A 449 -20.15 14.75 -11.21
N GLY A 450 -20.02 14.84 -12.53
CA GLY A 450 -20.77 13.95 -13.41
C GLY A 450 -20.40 12.50 -13.17
N GLU A 451 -21.42 11.64 -13.23
CA GLU A 451 -21.22 10.21 -13.03
C GLU A 451 -20.50 9.60 -14.23
N ARG A 452 -19.44 8.86 -13.98
CA ARG A 452 -18.64 8.24 -15.03
C ARG A 452 -18.28 6.82 -14.62
N GLU A 453 -17.91 6.06 -15.62
CA GLU A 453 -17.35 4.70 -15.40
CA GLU A 453 -17.36 4.69 -15.38
C GLU A 453 -15.97 4.74 -14.67
N VAL A 454 -15.78 3.78 -13.79
CA VAL A 454 -14.56 3.52 -12.97
C VAL A 454 -14.41 4.57 -11.87
N THR A 455 -14.20 5.85 -12.24
CA THR A 455 -13.97 7.05 -11.40
C THR A 455 -15.24 7.45 -10.71
N GLY A 456 -16.37 7.07 -11.22
CA GLY A 456 -17.64 7.40 -10.58
C GLY A 456 -17.93 8.89 -10.57
N LYS A 457 -18.15 9.44 -9.38
CA LYS A 457 -18.50 10.85 -9.22
C LYS A 457 -17.30 11.72 -8.85
N ILE A 458 -16.09 11.16 -8.82
CA ILE A 458 -14.90 11.95 -8.56
C ILE A 458 -14.67 12.90 -9.72
N ARG A 459 -14.10 14.07 -9.42
CA ARG A 459 -13.83 15.08 -10.44
C ARG A 459 -12.99 14.48 -11.57
N TYR A 460 -13.42 14.72 -12.80
CA TYR A 460 -12.78 14.14 -13.97
C TYR A 460 -11.94 15.18 -14.69
N MET A 461 -10.74 14.78 -15.11
CA MET A 461 -9.87 15.62 -15.91
C MET A 461 -9.36 14.81 -17.09
N SER A 462 -9.43 15.41 -18.28
CA SER A 462 -9.09 14.72 -19.52
C SER A 462 -7.92 15.40 -20.20
N TYR A 463 -7.25 14.65 -21.08
CA TYR A 463 -6.15 15.20 -21.87
C TYR A 463 -6.63 16.34 -22.76
N GLU A 464 -7.86 16.26 -23.26
CA GLU A 464 -8.41 17.34 -24.07
C GLU A 464 -8.70 18.58 -23.25
N GLY A 465 -9.01 18.42 -21.96
CA GLY A 465 -9.21 19.58 -21.11
C GLY A 465 -7.94 20.40 -20.94
N CYS A 466 -6.80 19.72 -20.76
CA CYS A 466 -5.52 20.40 -20.70
C CYS A 466 -5.10 20.97 -22.05
N LYS A 467 -5.63 20.40 -23.14
CA LYS A 467 -5.26 20.90 -24.47
CA LYS A 467 -5.28 20.89 -24.47
C LYS A 467 -5.76 22.31 -24.69
N ARG A 468 -6.97 22.64 -24.21
CA ARG A 468 -7.55 23.95 -24.41
C ARG A 468 -7.06 25.00 -23.42
N LYS A 469 -6.27 24.63 -22.42
CA LYS A 469 -5.83 25.58 -21.41
C LYS A 469 -4.35 25.93 -21.48
N PHE A 470 -3.50 25.02 -21.96
CA PHE A 470 -2.09 25.32 -22.14
C PHE A 470 -1.53 24.48 -23.27
N ASP A 471 -0.36 24.88 -23.76
CA ASP A 471 0.30 24.17 -24.86
C ASP A 471 0.81 22.84 -24.33
N VAL A 472 0.05 21.77 -24.56
CA VAL A 472 0.45 20.44 -24.11
C VAL A 472 1.69 19.97 -24.85
N LYS A 473 1.80 20.33 -26.14
CA LYS A 473 2.94 19.89 -26.94
C LYS A 473 4.26 20.42 -26.38
N LEU A 474 4.25 21.65 -25.85
CA LEU A 474 5.46 22.20 -25.25
C LEU A 474 5.83 21.46 -23.97
N TYR A 475 4.84 21.01 -23.20
CA TYR A 475 5.14 20.32 -21.95
C TYR A 475 5.68 18.91 -22.20
N ILE A 476 5.09 18.18 -23.15
CA ILE A 476 5.56 16.83 -23.45
CA ILE A 476 5.56 16.84 -23.43
C ILE A 476 6.95 16.86 -24.07
N GLU A 477 7.21 17.85 -24.94
CA GLU A 477 8.52 17.94 -25.57
C GLU A 477 9.60 18.39 -24.60
N LYS A 478 9.24 19.08 -23.52
CA LYS A 478 10.24 19.52 -22.55
C LYS A 478 10.80 18.35 -21.76
N TYR A 479 9.97 17.36 -21.46
CA TYR A 479 10.38 16.23 -20.65
C TYR A 479 10.24 14.92 -21.41
N SER A 480 10.74 14.90 -22.65
CA SER A 480 10.69 13.73 -23.54
C SER A 480 9.27 13.21 -23.70
N LEU B 14 -26.60 -27.96 -23.31
CA LEU B 14 -25.43 -27.38 -22.67
C LEU B 14 -24.33 -28.41 -22.47
N VAL B 15 -24.74 -29.62 -22.09
CA VAL B 15 -23.80 -30.72 -21.87
C VAL B 15 -24.06 -31.81 -22.91
N PRO B 16 -23.02 -32.39 -23.50
CA PRO B 16 -23.23 -33.42 -24.53
C PRO B 16 -23.80 -34.70 -23.92
N ARG B 17 -24.27 -35.57 -24.82
CA ARG B 17 -24.89 -36.82 -24.40
C ARG B 17 -23.86 -37.78 -23.84
N GLY B 18 -24.17 -38.38 -22.69
CA GLY B 18 -23.29 -39.37 -22.09
C GLY B 18 -21.93 -38.85 -21.70
N SER B 19 -21.85 -37.59 -21.27
CA SER B 19 -20.58 -37.00 -20.86
C SER B 19 -20.36 -37.02 -19.35
N HIS B 20 -21.41 -37.27 -18.57
CA HIS B 20 -21.34 -37.29 -17.11
C HIS B 20 -20.76 -35.98 -16.58
N MET B 21 -21.44 -34.88 -16.90
CA MET B 21 -21.02 -33.55 -16.51
CA MET B 21 -21.02 -33.55 -16.50
C MET B 21 -22.18 -32.85 -15.82
N ASN B 22 -21.94 -32.33 -14.62
CA ASN B 22 -22.96 -31.57 -13.91
C ASN B 22 -23.06 -30.19 -14.53
N PRO B 23 -24.21 -29.79 -15.07
CA PRO B 23 -24.30 -28.48 -15.74
C PRO B 23 -24.16 -27.31 -14.78
N LYS B 24 -24.29 -27.53 -13.47
CA LYS B 24 -24.20 -26.44 -12.51
C LYS B 24 -22.77 -25.94 -12.30
N ARG B 25 -21.77 -26.69 -12.75
CA ARG B 25 -20.39 -26.22 -12.69
C ARG B 25 -20.02 -25.31 -13.85
N ILE B 26 -21.01 -24.84 -14.62
CA ILE B 26 -20.77 -24.13 -15.87
C ILE B 26 -21.55 -22.83 -15.85
N ARG B 27 -20.90 -21.74 -16.23
CA ARG B 27 -21.54 -20.44 -16.37
C ARG B 27 -21.25 -19.90 -17.76
N ALA B 28 -22.31 -19.51 -18.47
CA ALA B 28 -22.18 -19.00 -19.83
C ALA B 28 -21.82 -17.52 -19.77
N LEU B 29 -20.56 -17.19 -20.05
CA LEU B 29 -20.12 -15.79 -19.99
C LEU B 29 -20.59 -15.01 -21.20
N LYS B 30 -20.67 -15.63 -22.37
CA LYS B 30 -21.09 -14.93 -23.59
C LYS B 30 -21.66 -15.95 -24.56
N SER B 31 -22.86 -15.69 -25.06
CA SER B 31 -23.52 -16.56 -26.02
C SER B 31 -23.30 -16.03 -27.44
N GLY B 32 -23.37 -16.94 -28.41
CA GLY B 32 -23.19 -16.56 -29.79
C GLY B 32 -23.20 -17.77 -30.68
N LYS B 33 -22.85 -17.54 -31.95
CA LYS B 33 -22.81 -18.61 -32.93
C LYS B 33 -21.55 -19.44 -32.76
N GLN B 34 -21.72 -20.76 -32.65
CA GLN B 34 -20.58 -21.66 -32.48
C GLN B 34 -19.76 -21.69 -33.76
N GLY B 35 -18.44 -21.55 -33.62
CA GLY B 35 -17.55 -21.52 -34.77
C GLY B 35 -17.30 -22.89 -35.35
N ASP B 36 -16.56 -22.90 -36.46
CA ASP B 36 -16.22 -24.14 -37.16
C ASP B 36 -14.87 -24.70 -36.73
N GLY B 37 -14.13 -24.01 -35.88
CA GLY B 37 -12.80 -24.44 -35.50
C GLY B 37 -12.76 -25.20 -34.19
N PRO B 38 -11.56 -25.37 -33.65
CA PRO B 38 -11.40 -26.17 -32.42
C PRO B 38 -11.90 -25.41 -31.20
N VAL B 39 -11.90 -26.11 -30.07
CA VAL B 39 -12.32 -25.56 -28.79
C VAL B 39 -11.07 -25.18 -28.00
N VAL B 40 -11.00 -23.93 -27.57
CA VAL B 40 -9.84 -23.38 -26.89
C VAL B 40 -10.12 -23.35 -25.39
N TYR B 41 -9.25 -24.00 -24.62
CA TYR B 41 -9.32 -23.97 -23.16
C TYR B 41 -8.29 -22.97 -22.66
N TRP B 42 -8.78 -21.88 -22.06
CA TRP B 42 -7.90 -20.85 -21.49
C TRP B 42 -7.58 -21.25 -20.05
N MET B 43 -6.50 -21.99 -19.89
CA MET B 43 -6.04 -22.40 -18.57
C MET B 43 -5.36 -21.25 -17.85
N SER B 44 -5.85 -20.92 -16.65
CA SER B 44 -5.14 -19.92 -15.85
C SER B 44 -4.88 -20.37 -14.42
N ARG B 45 -5.83 -21.06 -13.80
CA ARG B 45 -5.76 -21.38 -12.37
C ARG B 45 -5.55 -22.86 -12.09
N ASP B 46 -6.23 -23.74 -12.82
CA ASP B 46 -6.12 -25.18 -12.62
C ASP B 46 -5.10 -25.70 -13.64
N GLN B 47 -3.82 -25.70 -13.25
CA GLN B 47 -2.74 -26.13 -14.14
C GLN B 47 -2.48 -27.61 -13.90
N ARG B 48 -3.32 -28.44 -14.51
CA ARG B 48 -3.19 -29.89 -14.41
C ARG B 48 -3.95 -30.53 -15.57
N ALA B 49 -3.51 -31.72 -15.96
CA ALA B 49 -4.18 -32.48 -17.00
C ALA B 49 -5.20 -33.46 -16.44
N GLU B 50 -4.92 -34.06 -15.29
CA GLU B 50 -5.83 -34.99 -14.66
C GLU B 50 -6.70 -34.27 -13.65
N ASP B 51 -7.92 -34.78 -13.48
CA ASP B 51 -8.88 -34.24 -12.50
C ASP B 51 -9.16 -32.75 -12.73
N ASN B 52 -9.39 -32.41 -13.99
CA ASN B 52 -9.67 -31.03 -14.40
C ASN B 52 -11.07 -30.97 -14.99
N TRP B 53 -12.02 -30.42 -14.24
CA TRP B 53 -13.37 -30.25 -14.76
C TRP B 53 -13.40 -29.29 -15.93
N ALA B 54 -12.48 -28.33 -15.97
CA ALA B 54 -12.44 -27.37 -17.07
C ALA B 54 -11.94 -28.02 -18.36
N LEU B 55 -10.96 -28.90 -18.26
CA LEU B 55 -10.43 -29.57 -19.44
C LEU B 55 -11.36 -30.66 -19.96
N LEU B 56 -12.13 -31.29 -19.07
CA LEU B 56 -13.00 -32.38 -19.50
C LEU B 56 -14.17 -31.86 -20.34
N PHE B 57 -14.74 -30.72 -19.96
CA PHE B 57 -15.87 -30.17 -20.71
C PHE B 57 -15.43 -29.65 -22.06
N SER B 58 -14.24 -29.07 -22.15
CA SER B 58 -13.70 -28.65 -23.44
C SER B 58 -13.53 -29.85 -24.36
N ARG B 59 -13.16 -31.00 -23.81
CA ARG B 59 -13.15 -32.24 -24.58
C ARG B 59 -14.57 -32.67 -24.97
N ALA B 60 -15.55 -32.35 -24.12
CA ALA B 60 -16.92 -32.78 -24.40
C ALA B 60 -17.54 -31.99 -25.55
N ILE B 61 -17.36 -30.67 -25.55
CA ILE B 61 -17.92 -29.86 -26.63
C ILE B 61 -17.26 -30.22 -27.96
N ALA B 62 -15.94 -30.34 -27.96
CA ALA B 62 -15.21 -30.64 -29.19
C ALA B 62 -15.53 -32.04 -29.71
N LYS B 63 -15.85 -32.97 -28.81
CA LYS B 63 -16.27 -34.30 -29.25
C LYS B 63 -17.59 -34.25 -30.00
N GLU B 64 -18.51 -33.40 -29.54
CA GLU B 64 -19.80 -33.27 -30.20
C GLU B 64 -19.70 -32.50 -31.51
N ALA B 65 -18.84 -31.49 -31.55
CA ALA B 65 -18.69 -30.64 -32.72
C ALA B 65 -17.69 -31.18 -33.73
N ASN B 66 -17.10 -32.35 -33.47
CA ASN B 66 -16.14 -32.99 -34.37
C ASN B 66 -14.95 -32.06 -34.64
N VAL B 67 -14.39 -31.52 -33.57
CA VAL B 67 -13.22 -30.64 -33.64
C VAL B 67 -12.24 -31.04 -32.55
N PRO B 68 -10.97 -30.68 -32.70
CA PRO B 68 -9.98 -31.01 -31.66
C PRO B 68 -10.02 -30.00 -30.52
N VAL B 69 -9.27 -30.33 -29.47
CA VAL B 69 -9.17 -29.51 -28.27
C VAL B 69 -7.75 -28.98 -28.16
N VAL B 70 -7.62 -27.66 -28.01
CA VAL B 70 -6.32 -27.02 -27.82
C VAL B 70 -6.32 -26.31 -26.48
N VAL B 71 -5.12 -25.94 -26.04
CA VAL B 71 -4.90 -25.31 -24.74
C VAL B 71 -4.02 -24.09 -24.92
N VAL B 72 -4.42 -22.97 -24.32
CA VAL B 72 -3.65 -21.72 -24.36
C VAL B 72 -3.38 -21.28 -22.93
N PHE B 73 -2.18 -20.73 -22.72
CA PHE B 73 -1.78 -20.20 -21.42
C PHE B 73 -1.02 -18.90 -21.64
N CYS B 74 -1.53 -17.82 -21.09
CA CYS B 74 -0.92 -16.50 -21.24
C CYS B 74 -0.10 -16.17 -20.00
N LEU B 75 1.15 -15.74 -20.22
CA LEU B 75 2.06 -15.38 -19.14
C LEU B 75 2.32 -13.88 -19.23
N THR B 76 1.74 -13.12 -18.29
CA THR B 76 1.90 -11.68 -18.29
C THR B 76 3.33 -11.29 -17.94
N ASP B 77 3.76 -10.15 -18.51
CA ASP B 77 5.10 -9.64 -18.21
C ASP B 77 5.20 -9.15 -16.77
N GLU B 78 4.08 -8.73 -16.17
CA GLU B 78 4.09 -8.24 -14.80
C GLU B 78 4.31 -9.36 -13.79
N PHE B 79 4.11 -10.62 -14.20
CA PHE B 79 4.33 -11.74 -13.30
C PHE B 79 5.81 -12.04 -13.10
N LEU B 80 6.65 -11.69 -14.06
CA LEU B 80 8.08 -11.96 -13.97
C LEU B 80 8.81 -11.00 -13.04
N GLU B 81 8.15 -9.94 -12.58
CA GLU B 81 8.77 -8.98 -11.66
C GLU B 81 8.18 -9.01 -10.26
N ALA B 82 6.96 -9.52 -10.09
CA ALA B 82 6.34 -9.56 -8.77
C ALA B 82 7.00 -10.62 -7.89
N GLY B 83 7.22 -11.81 -8.44
CA GLY B 83 7.83 -12.89 -7.68
C GLY B 83 8.65 -13.83 -8.54
N ILE B 84 9.75 -14.34 -7.99
CA ILE B 84 10.65 -15.23 -8.71
C ILE B 84 10.52 -16.67 -8.22
N ARG B 85 10.37 -16.86 -6.90
CA ARG B 85 10.23 -18.21 -6.37
C ARG B 85 8.93 -18.87 -6.83
N GLN B 86 7.86 -18.09 -6.99
CA GLN B 86 6.63 -18.64 -7.56
C GLN B 86 6.76 -18.85 -9.06
N TYR B 87 7.63 -18.07 -9.72
CA TYR B 87 7.83 -18.21 -11.15
C TYR B 87 8.50 -19.54 -11.48
N GLU B 88 9.54 -19.91 -10.73
CA GLU B 88 10.22 -21.17 -10.98
C GLU B 88 9.33 -22.36 -10.63
N PHE B 89 8.52 -22.23 -9.58
CA PHE B 89 7.61 -23.30 -9.20
C PHE B 89 6.52 -23.50 -10.24
N MET B 90 6.08 -22.42 -10.89
CA MET B 90 5.01 -22.54 -11.88
C MET B 90 5.54 -23.00 -13.24
N LEU B 91 6.71 -22.50 -13.65
CA LEU B 91 7.25 -22.89 -14.95
C LEU B 91 7.63 -24.36 -14.99
N LYS B 92 8.20 -24.87 -13.89
CA LYS B 92 8.59 -26.28 -13.85
C LYS B 92 7.37 -27.18 -13.94
N GLY B 93 6.26 -26.77 -13.33
CA GLY B 93 5.04 -27.55 -13.45
C GLY B 93 4.41 -27.47 -14.83
N LEU B 94 4.60 -26.35 -15.53
CA LEU B 94 4.06 -26.23 -16.88
C LEU B 94 4.85 -27.07 -17.87
N GLN B 95 6.15 -27.26 -17.64
CA GLN B 95 6.95 -28.11 -18.51
C GLN B 95 6.47 -29.56 -18.46
N GLU B 96 6.19 -30.06 -17.25
CA GLU B 96 5.64 -31.40 -17.13
C GLU B 96 4.23 -31.47 -17.69
N LEU B 97 3.44 -30.41 -17.49
CA LEU B 97 2.08 -30.38 -18.03
C LEU B 97 2.08 -30.38 -19.55
N GLU B 98 3.12 -29.75 -20.07
CA GLU B 98 3.35 -29.64 -21.51
C GLU B 98 3.56 -31.05 -22.12
N VAL B 99 4.25 -31.98 -21.44
CA VAL B 99 4.47 -33.37 -21.82
C VAL B 99 3.20 -34.19 -21.61
N SER B 100 2.49 -33.94 -20.51
CA SER B 100 1.28 -34.70 -20.22
C SER B 100 0.21 -34.44 -21.27
N LEU B 101 0.08 -33.19 -21.73
CA LEU B 101 -0.90 -32.87 -22.76
C LEU B 101 -0.46 -33.41 -24.13
N SER B 102 0.83 -33.56 -24.35
CA SER B 102 1.31 -34.10 -25.63
C SER B 102 1.00 -35.59 -25.73
N ARG B 103 0.98 -36.31 -24.61
CA ARG B 103 0.65 -37.73 -24.65
C ARG B 103 -0.80 -37.96 -25.02
N LYS B 104 -1.68 -36.99 -24.74
CA LYS B 104 -3.09 -37.07 -25.07
C LYS B 104 -3.41 -36.35 -26.37
N LYS B 105 -2.39 -36.02 -27.17
CA LYS B 105 -2.56 -35.37 -28.47
C LYS B 105 -3.27 -34.02 -28.34
N ILE B 106 -3.09 -33.35 -27.21
CA ILE B 106 -3.67 -32.03 -26.96
C ILE B 106 -2.56 -30.99 -27.10
N PRO B 107 -2.55 -30.18 -28.16
CA PRO B 107 -1.48 -29.19 -28.30
C PRO B 107 -1.68 -28.01 -27.36
N SER B 108 -0.57 -27.48 -26.85
CA SER B 108 -0.59 -26.36 -25.92
C SER B 108 0.17 -25.19 -26.53
N PHE B 109 -0.33 -23.98 -26.25
CA PHE B 109 0.29 -22.75 -26.73
C PHE B 109 0.49 -21.81 -25.56
N PHE B 110 1.71 -21.29 -25.43
CA PHE B 110 2.09 -20.40 -24.33
C PHE B 110 2.31 -19.00 -24.90
N LEU B 111 1.47 -18.06 -24.50
CA LEU B 111 1.57 -16.68 -24.95
C LEU B 111 2.18 -15.81 -23.86
N ARG B 112 2.65 -14.64 -24.26
CA ARG B 112 3.27 -13.68 -23.35
C ARG B 112 2.72 -12.29 -23.64
N GLY B 113 2.11 -11.67 -22.63
CA GLY B 113 1.57 -10.34 -22.77
C GLY B 113 0.27 -10.21 -22.00
N ASP B 114 -0.51 -9.23 -22.38
CA ASP B 114 -1.79 -8.97 -21.73
C ASP B 114 -2.81 -10.02 -22.16
N PRO B 115 -3.39 -10.79 -21.22
CA PRO B 115 -4.42 -11.76 -21.62
C PRO B 115 -5.62 -11.15 -22.30
N GLY B 116 -5.98 -9.91 -21.94
CA GLY B 116 -7.14 -9.28 -22.55
C GLY B 116 -7.00 -9.08 -24.05
N GLU B 117 -5.76 -8.96 -24.53
CA GLU B 117 -5.50 -8.76 -25.96
C GLU B 117 -4.95 -10.00 -26.65
N LYS B 118 -4.19 -10.84 -25.94
CA LYS B 118 -3.60 -12.01 -26.58
C LYS B 118 -4.62 -13.11 -26.81
N ILE B 119 -5.54 -13.33 -25.86
CA ILE B 119 -6.54 -14.36 -26.03
C ILE B 119 -7.52 -13.99 -27.14
N SER B 120 -7.87 -12.71 -27.25
CA SER B 120 -8.73 -12.28 -28.34
C SER B 120 -8.04 -12.47 -29.68
N ARG B 121 -6.74 -12.20 -29.75
CA ARG B 121 -6.01 -12.40 -31.00
C ARG B 121 -5.85 -13.89 -31.30
N PHE B 122 -5.61 -14.70 -30.28
CA PHE B 122 -5.46 -16.14 -30.49
C PHE B 122 -6.76 -16.76 -31.00
N VAL B 123 -7.90 -16.29 -30.48
CA VAL B 123 -9.19 -16.83 -30.91
C VAL B 123 -9.44 -16.52 -32.39
N LYS B 124 -9.16 -15.29 -32.81
CA LYS B 124 -9.43 -14.91 -34.20
C LYS B 124 -8.44 -15.54 -35.16
N ASP B 125 -7.16 -15.58 -34.78
CA ASP B 125 -6.14 -16.10 -35.70
C ASP B 125 -6.26 -17.60 -35.88
N TYR B 126 -6.53 -18.33 -34.80
CA TYR B 126 -6.62 -19.78 -34.87
CA TYR B 126 -6.64 -19.79 -34.83
C TYR B 126 -8.04 -20.28 -35.14
N ASN B 127 -9.00 -19.36 -35.35
CA ASN B 127 -10.38 -19.70 -35.67
C ASN B 127 -10.99 -20.59 -34.59
N ALA B 128 -11.11 -20.03 -33.39
CA ALA B 128 -11.67 -20.76 -32.27
C ALA B 128 -13.16 -21.00 -32.46
N GLY B 129 -13.62 -22.20 -32.09
CA GLY B 129 -15.03 -22.52 -32.16
C GLY B 129 -15.73 -22.26 -30.84
N THR B 130 -15.09 -22.66 -29.74
CA THR B 130 -15.61 -22.41 -28.40
C THR B 130 -14.44 -22.08 -27.48
N LEU B 131 -14.68 -21.15 -26.55
CA LEU B 131 -13.65 -20.69 -25.61
C LEU B 131 -14.11 -21.03 -24.19
N VAL B 132 -13.22 -21.67 -23.43
CA VAL B 132 -13.50 -22.08 -22.06
C VAL B 132 -12.32 -21.67 -21.19
N THR B 133 -12.62 -21.21 -19.97
CA THR B 133 -11.60 -20.86 -19.00
C THR B 133 -12.06 -21.30 -17.61
N ASP B 134 -11.08 -21.50 -16.73
CA ASP B 134 -11.39 -21.88 -15.35
C ASP B 134 -11.86 -20.66 -14.56
N PHE B 135 -12.33 -20.93 -13.35
CA PHE B 135 -12.91 -19.90 -12.49
C PHE B 135 -11.89 -19.44 -11.46
N SER B 136 -11.86 -18.12 -11.24
CA SER B 136 -10.97 -17.49 -10.29
CA SER B 136 -10.98 -17.49 -10.29
C SER B 136 -11.64 -16.20 -9.84
N PRO B 137 -11.79 -15.99 -8.53
CA PRO B 137 -12.45 -14.79 -8.01
C PRO B 137 -11.54 -13.59 -7.84
N LEU B 138 -10.34 -13.61 -8.40
CA LEU B 138 -9.43 -12.49 -8.29
C LEU B 138 -9.86 -11.33 -9.18
N ARG B 139 -9.40 -10.13 -8.83
CA ARG B 139 -9.82 -8.93 -9.54
C ARG B 139 -9.28 -8.92 -10.97
N ILE B 140 -8.01 -9.27 -11.15
CA ILE B 140 -7.40 -9.17 -12.47
C ILE B 140 -7.94 -10.21 -13.44
N LYS B 141 -8.52 -11.30 -12.94
CA LYS B 141 -9.13 -12.28 -13.83
C LYS B 141 -10.43 -11.76 -14.42
N ASN B 142 -11.23 -11.05 -13.61
CA ASN B 142 -12.47 -10.48 -14.11
CA ASN B 142 -12.47 -10.48 -14.11
C ASN B 142 -12.20 -9.39 -15.13
N GLN B 143 -11.11 -8.62 -14.96
CA GLN B 143 -10.78 -7.59 -15.92
C GLN B 143 -10.40 -8.19 -17.27
N TRP B 144 -9.65 -9.29 -17.27
CA TRP B 144 -9.29 -9.94 -18.53
C TRP B 144 -10.51 -10.55 -19.21
N ILE B 145 -11.44 -11.10 -18.41
CA ILE B 145 -12.63 -11.73 -18.98
C ILE B 145 -13.48 -10.70 -19.73
N GLU B 146 -13.69 -9.52 -19.13
CA GLU B 146 -14.48 -8.49 -19.79
C GLU B 146 -13.80 -7.97 -21.05
N LYS B 147 -12.46 -7.96 -21.07
CA LYS B 147 -11.75 -7.54 -22.29
C LYS B 147 -11.89 -8.57 -23.39
N VAL B 148 -11.87 -9.86 -23.04
CA VAL B 148 -11.97 -10.92 -24.04
C VAL B 148 -13.37 -10.96 -24.64
N ILE B 149 -14.40 -10.75 -23.80
CA ILE B 149 -15.78 -10.82 -24.28
C ILE B 149 -16.04 -9.77 -25.36
N SER B 150 -15.52 -8.56 -25.16
CA SER B 150 -15.71 -7.49 -26.12
CA SER B 150 -15.71 -7.49 -26.12
C SER B 150 -14.88 -7.69 -27.39
N GLY B 151 -13.96 -8.65 -27.41
CA GLY B 151 -13.11 -8.85 -28.57
C GLY B 151 -13.36 -10.15 -29.33
N ILE B 152 -14.38 -10.91 -28.93
CA ILE B 152 -14.72 -12.16 -29.57
C ILE B 152 -16.20 -12.19 -29.90
N SER B 153 -16.56 -13.08 -30.83
CA SER B 153 -17.94 -13.27 -31.25
C SER B 153 -18.32 -14.75 -31.20
N ILE B 154 -17.69 -15.50 -30.32
CA ILE B 154 -17.86 -16.94 -30.22
C ILE B 154 -18.29 -17.26 -28.79
N PRO B 155 -19.00 -18.37 -28.59
CA PRO B 155 -19.54 -18.69 -27.26
C PRO B 155 -18.43 -18.87 -26.22
N PHE B 156 -18.52 -18.08 -25.16
CA PHE B 156 -17.53 -18.09 -24.08
C PHE B 156 -18.16 -18.74 -22.85
N PHE B 157 -17.46 -19.72 -22.28
CA PHE B 157 -17.92 -20.43 -21.10
C PHE B 157 -16.87 -20.36 -20.00
N GLU B 158 -17.32 -20.57 -18.76
CA GLU B 158 -16.44 -20.60 -17.60
C GLU B 158 -16.87 -21.75 -16.70
N VAL B 159 -15.91 -22.58 -16.28
CA VAL B 159 -16.17 -23.77 -15.49
C VAL B 159 -15.38 -23.68 -14.20
N ASP B 160 -16.05 -23.92 -13.08
CA ASP B 160 -15.40 -23.94 -11.76
C ASP B 160 -14.72 -25.28 -11.59
N ALA B 161 -13.40 -25.32 -11.81
CA ALA B 161 -12.62 -26.54 -11.69
C ALA B 161 -11.74 -26.56 -10.45
N HIS B 162 -11.90 -25.59 -9.55
CA HIS B 162 -11.10 -25.51 -8.34
C HIS B 162 -11.84 -25.99 -7.09
N ASN B 163 -13.12 -25.66 -6.97
CA ASN B 163 -13.90 -26.02 -5.79
C ASN B 163 -14.77 -27.25 -6.07
N VAL B 164 -15.04 -28.02 -5.01
CA VAL B 164 -15.93 -29.17 -5.13
C VAL B 164 -17.33 -28.72 -5.52
N VAL B 165 -17.88 -27.78 -4.77
CA VAL B 165 -19.18 -27.17 -5.07
C VAL B 165 -18.90 -25.85 -5.79
N PRO B 166 -19.58 -25.56 -6.90
CA PRO B 166 -19.32 -24.30 -7.61
C PRO B 166 -19.55 -23.10 -6.70
N CYS B 167 -18.70 -22.07 -6.89
CA CYS B 167 -18.75 -20.91 -6.02
C CYS B 167 -20.09 -20.19 -6.13
N TRP B 168 -20.62 -20.07 -7.35
CA TRP B 168 -21.92 -19.44 -7.54
C TRP B 168 -23.09 -20.33 -7.12
N GLU B 169 -22.84 -21.61 -6.84
CA GLU B 169 -23.89 -22.53 -6.41
C GLU B 169 -23.90 -22.80 -4.92
N ALA B 170 -22.74 -22.74 -4.26
CA ALA B 170 -22.69 -22.96 -2.82
C ALA B 170 -23.45 -21.88 -2.06
N SER B 171 -23.27 -20.62 -2.46
CA SER B 171 -23.96 -19.52 -1.82
C SER B 171 -24.05 -18.35 -2.81
N GLN B 172 -25.11 -17.55 -2.66
CA GLN B 172 -25.34 -16.41 -3.52
C GLN B 172 -24.98 -15.08 -2.85
N LYS B 173 -24.26 -15.12 -1.73
CA LYS B 173 -23.91 -13.92 -1.01
C LYS B 173 -22.64 -14.17 -0.20
N HIS B 174 -22.13 -13.10 0.40
CA HIS B 174 -20.95 -13.20 1.25
C HIS B 174 -21.33 -13.81 2.60
N GLU B 175 -20.70 -14.93 2.94
CA GLU B 175 -20.99 -15.61 4.19
C GLU B 175 -20.28 -14.92 5.34
N TYR B 176 -21.02 -14.62 6.41
CA TYR B 176 -20.43 -13.92 7.55
C TYR B 176 -19.41 -14.80 8.28
N ALA B 177 -19.72 -16.08 8.47
CA ALA B 177 -18.84 -16.99 9.17
C ALA B 177 -18.97 -18.38 8.56
N ALA B 178 -18.11 -19.29 9.01
CA ALA B 178 -18.13 -20.65 8.50
C ALA B 178 -19.25 -21.49 9.11
N HIS B 179 -19.79 -21.10 10.26
CA HIS B 179 -20.89 -21.84 10.87
C HIS B 179 -22.21 -21.62 10.14
N THR B 180 -22.31 -20.56 9.33
CA THR B 180 -23.46 -20.38 8.46
C THR B 180 -23.24 -20.96 7.08
N PHE B 181 -21.98 -21.08 6.65
CA PHE B 181 -21.66 -21.68 5.36
C PHE B 181 -21.52 -23.20 5.44
N ARG B 182 -21.25 -23.75 6.61
CA ARG B 182 -21.08 -25.20 6.74
C ARG B 182 -22.34 -25.97 6.35
N PRO B 183 -23.53 -25.66 6.88
CA PRO B 183 -24.72 -26.41 6.44
C PRO B 183 -25.04 -26.25 4.96
N LYS B 184 -24.63 -25.14 4.35
CA LYS B 184 -24.90 -24.94 2.93
C LYS B 184 -24.01 -25.82 2.05
N LEU B 185 -22.73 -25.93 2.40
CA LEU B 185 -21.80 -26.70 1.56
C LEU B 185 -22.06 -28.20 1.69
N TYR B 186 -22.22 -28.68 2.93
CA TYR B 186 -22.42 -30.11 3.13
C TYR B 186 -23.76 -30.60 2.59
N ALA B 187 -24.72 -29.71 2.39
CA ALA B 187 -26.00 -30.11 1.80
C ALA B 187 -25.82 -30.46 0.32
N LEU B 188 -24.99 -29.69 -0.39
CA LEU B 188 -24.71 -29.94 -1.80
C LEU B 188 -23.52 -30.87 -2.02
N LEU B 189 -22.85 -31.29 -0.95
CA LEU B 189 -21.71 -32.19 -1.09
C LEU B 189 -22.05 -33.52 -1.75
N PRO B 190 -23.12 -34.22 -1.35
CA PRO B 190 -23.40 -35.52 -1.99
C PRO B 190 -23.68 -35.44 -3.48
N GLU B 191 -24.07 -34.27 -3.99
CA GLU B 191 -24.34 -34.11 -5.41
C GLU B 191 -23.09 -33.79 -6.21
N PHE B 192 -22.17 -33.00 -5.66
CA PHE B 192 -21.00 -32.53 -6.38
C PHE B 192 -19.75 -33.37 -6.13
N LEU B 193 -19.77 -34.24 -5.13
CA LEU B 193 -18.63 -35.12 -4.86
C LEU B 193 -18.82 -36.39 -5.70
N GLU B 194 -18.07 -36.48 -6.79
CA GLU B 194 -18.20 -37.59 -7.72
C GLU B 194 -16.83 -37.95 -8.27
N GLU B 195 -16.73 -39.19 -8.78
CA GLU B 195 -15.50 -39.63 -9.41
C GLU B 195 -15.32 -38.93 -10.76
N PHE B 196 -14.07 -38.87 -11.20
CA PHE B 196 -13.75 -38.09 -12.39
C PHE B 196 -13.54 -39.00 -13.59
N PRO B 197 -14.22 -38.74 -14.71
CA PRO B 197 -13.97 -39.54 -15.92
C PRO B 197 -12.57 -39.28 -16.47
N GLU B 198 -12.03 -40.31 -17.11
CA GLU B 198 -10.70 -40.19 -17.71
CA GLU B 198 -10.70 -40.21 -17.72
C GLU B 198 -10.71 -39.20 -18.86
N LEU B 199 -9.64 -38.41 -18.96
CA LEU B 199 -9.51 -37.43 -20.02
C LEU B 199 -9.16 -38.16 -21.33
N GLU B 200 -10.11 -38.19 -22.25
CA GLU B 200 -9.89 -38.88 -23.52
C GLU B 200 -8.97 -38.06 -24.41
N PRO B 201 -8.01 -38.69 -25.09
CA PRO B 201 -7.12 -37.96 -26.00
C PRO B 201 -7.88 -37.47 -27.22
N ASN B 202 -7.25 -36.54 -27.94
CA ASN B 202 -7.84 -35.97 -29.13
C ASN B 202 -8.00 -37.02 -30.22
N SER B 203 -9.17 -37.04 -30.84
CA SER B 203 -9.45 -37.96 -31.95
C SER B 203 -9.22 -37.33 -33.31
N VAL B 204 -9.34 -36.01 -33.43
CA VAL B 204 -9.11 -35.30 -34.68
C VAL B 204 -7.72 -34.67 -34.63
N THR B 205 -6.91 -34.94 -35.63
CA THR B 205 -5.59 -34.34 -35.70
C THR B 205 -5.73 -32.86 -36.08
N PRO B 206 -5.26 -31.93 -35.23
CA PRO B 206 -5.38 -30.49 -35.52
C PRO B 206 -4.37 -30.01 -36.55
N ASP B 240 16.90 -13.85 -4.90
CA ASP B 240 16.39 -14.51 -3.70
C ASP B 240 17.38 -15.52 -3.16
N PRO B 241 18.42 -15.04 -2.47
CA PRO B 241 19.45 -15.97 -1.95
C PRO B 241 18.98 -16.78 -0.75
N LEU B 242 17.97 -16.32 -0.02
CA LEU B 242 17.51 -17.03 1.17
C LEU B 242 16.55 -18.18 0.88
N PHE B 243 16.02 -18.25 -0.34
CA PHE B 243 15.04 -19.28 -0.66
C PHE B 243 15.72 -20.64 -0.82
N GLU B 244 15.05 -21.68 -0.35
CA GLU B 244 15.51 -23.06 -0.51
C GLU B 244 14.55 -23.81 -1.42
N PRO B 245 14.88 -24.02 -2.70
CA PRO B 245 13.93 -24.61 -3.65
C PRO B 245 13.89 -26.13 -3.66
N TRP B 246 14.51 -26.82 -2.70
CA TRP B 246 14.46 -28.27 -2.65
C TRP B 246 13.43 -28.80 -1.67
N HIS B 247 12.66 -27.91 -1.03
CA HIS B 247 11.65 -28.36 -0.08
C HIS B 247 10.37 -28.85 -0.75
N PHE B 248 10.09 -28.40 -1.97
CA PHE B 248 8.85 -28.77 -2.68
C PHE B 248 9.18 -28.98 -4.15
N GLU B 249 9.06 -30.22 -4.61
CA GLU B 249 9.20 -30.51 -6.03
C GLU B 249 7.92 -30.11 -6.75
N PRO B 250 7.99 -29.23 -7.75
CA PRO B 250 6.77 -28.81 -8.44
C PRO B 250 6.37 -29.79 -9.54
N GLY B 251 5.10 -29.72 -9.90
CA GLY B 251 4.54 -30.55 -10.95
C GLY B 251 3.31 -31.31 -10.49
N GLU B 252 2.69 -31.99 -11.45
CA GLU B 252 1.49 -32.76 -11.17
C GLU B 252 1.83 -34.10 -10.50
N LYS B 253 2.84 -34.81 -11.00
CA LYS B 253 3.21 -36.08 -10.42
C LYS B 253 3.77 -35.93 -9.01
N ALA B 254 4.50 -34.84 -8.76
CA ALA B 254 5.03 -34.61 -7.41
C ALA B 254 3.92 -34.24 -6.44
N ALA B 255 2.84 -33.62 -6.94
CA ALA B 255 1.71 -33.30 -6.06
C ALA B 255 1.02 -34.56 -5.57
N LYS B 256 0.94 -35.58 -6.43
CA LYS B 256 0.34 -36.85 -6.01
C LYS B 256 1.22 -37.57 -4.99
N LYS B 257 2.54 -37.43 -5.11
CA LYS B 257 3.43 -38.04 -4.13
C LYS B 257 3.33 -37.36 -2.78
N VAL B 258 3.23 -36.03 -2.76
CA VAL B 258 3.05 -35.32 -1.50
C VAL B 258 1.70 -35.67 -0.88
N MET B 259 0.67 -35.85 -1.72
CA MET B 259 -0.63 -36.29 -1.23
C MET B 259 -0.54 -37.67 -0.58
N GLU B 260 -0.12 -38.67 -1.36
CA GLU B 260 -0.13 -40.06 -0.88
C GLU B 260 0.70 -40.23 0.39
N SER B 261 1.73 -39.40 0.57
CA SER B 261 2.51 -39.44 1.80
C SER B 261 1.77 -38.80 2.98
N PHE B 262 0.70 -38.06 2.72
CA PHE B 262 -0.02 -37.42 3.82
C PHE B 262 -1.05 -38.36 4.45
N ILE B 263 -1.79 -39.12 3.62
CA ILE B 263 -2.76 -40.07 4.16
C ILE B 263 -2.04 -41.21 4.86
N ALA B 264 -0.92 -41.68 4.28
CA ALA B 264 -0.24 -42.86 4.82
C ALA B 264 0.53 -42.55 6.10
N ASP B 265 1.06 -41.33 6.24
CA ASP B 265 1.96 -41.02 7.34
C ASP B 265 1.46 -39.92 8.28
N ARG B 266 0.76 -38.90 7.76
CA ARG B 266 0.45 -37.72 8.55
C ARG B 266 -1.04 -37.52 8.82
N LEU B 267 -1.92 -38.28 8.15
CA LEU B 267 -3.36 -38.07 8.36
C LEU B 267 -3.83 -38.60 9.70
N ASP B 268 -3.17 -39.64 10.23
CA ASP B 268 -3.59 -40.23 11.49
C ASP B 268 -3.46 -39.24 12.64
N SER B 269 -2.34 -38.51 12.69
CA SER B 269 -2.07 -37.56 13.76
C SER B 269 -2.29 -36.12 13.32
N TYR B 270 -3.19 -35.89 12.37
CA TYR B 270 -3.43 -34.54 11.89
C TYR B 270 -4.27 -33.73 12.88
N GLY B 271 -5.38 -34.31 13.35
CA GLY B 271 -6.31 -33.57 14.20
C GLY B 271 -5.74 -33.19 15.55
N ALA B 272 -4.62 -33.80 15.96
CA ALA B 272 -4.00 -33.50 17.24
C ALA B 272 -2.71 -32.70 17.15
N LEU B 273 -2.08 -32.65 15.98
CA LEU B 273 -0.81 -31.95 15.82
C LEU B 273 -0.81 -30.97 14.66
N ARG B 274 -2.00 -30.56 14.18
CA ARG B 274 -2.06 -29.60 13.08
C ARG B 274 -1.68 -28.20 13.52
N ASN B 275 -1.72 -27.91 14.82
CA ASN B 275 -1.40 -26.59 15.34
C ASN B 275 -0.03 -26.55 16.00
N ASP B 276 0.81 -27.56 15.78
CA ASP B 276 2.15 -27.59 16.35
C ASP B 276 3.17 -27.39 15.24
N PRO B 277 3.78 -26.20 15.15
CA PRO B 277 4.79 -25.98 14.08
C PRO B 277 6.08 -26.76 14.28
N THR B 278 6.36 -27.22 15.50
CA THR B 278 7.56 -28.03 15.70
C THR B 278 7.45 -29.40 15.04
N LYS B 279 6.23 -29.85 14.74
CA LYS B 279 6.00 -31.11 14.04
C LYS B 279 5.46 -30.83 12.65
N ASN B 280 6.09 -31.44 11.65
CA ASN B 280 5.67 -31.27 10.25
C ASN B 280 4.52 -32.22 9.92
N MET B 281 3.41 -32.03 10.64
CA MET B 281 2.23 -32.85 10.49
C MET B 281 1.21 -32.25 9.52
N LEU B 282 1.60 -31.24 8.75
CA LEU B 282 0.69 -30.63 7.80
C LEU B 282 0.66 -31.43 6.50
N SER B 283 -0.25 -31.04 5.60
CA SER B 283 -0.36 -31.70 4.32
C SER B 283 0.65 -31.16 3.31
N ASN B 284 0.95 -29.86 3.38
CA ASN B 284 1.85 -29.19 2.43
C ASN B 284 1.31 -29.27 0.99
N LEU B 285 -0.02 -29.31 0.84
CA LEU B 285 -0.64 -29.32 -0.47
C LEU B 285 -0.96 -27.92 -0.99
N SER B 286 -0.82 -26.89 -0.16
CA SER B 286 -1.15 -25.54 -0.59
C SER B 286 -0.34 -25.05 -1.78
N PRO B 287 0.99 -25.27 -1.87
CA PRO B 287 1.69 -24.85 -3.09
C PRO B 287 1.15 -25.53 -4.34
N TYR B 288 0.77 -26.80 -4.25
CA TYR B 288 0.20 -27.48 -5.40
C TYR B 288 -1.25 -27.11 -5.64
N LEU B 289 -2.00 -26.82 -4.57
CA LEU B 289 -3.40 -26.46 -4.71
C LEU B 289 -3.57 -25.05 -5.27
N HIS B 290 -2.64 -24.15 -4.97
CA HIS B 290 -2.76 -22.77 -5.45
CA HIS B 290 -2.76 -22.77 -5.45
C HIS B 290 -2.63 -22.70 -6.96
N PHE B 291 -1.60 -23.35 -7.51
CA PHE B 291 -1.38 -23.33 -8.95
C PHE B 291 -2.28 -24.32 -9.70
N GLY B 292 -3.14 -25.04 -8.98
CA GLY B 292 -4.00 -26.01 -9.63
C GLY B 292 -3.29 -27.25 -10.10
N GLN B 293 -2.12 -27.55 -9.54
CA GLN B 293 -1.39 -28.76 -9.94
C GLN B 293 -2.08 -30.03 -9.43
N ILE B 294 -2.94 -29.91 -8.44
CA ILE B 294 -3.71 -31.04 -7.92
C ILE B 294 -5.13 -30.56 -7.62
N SER B 295 -6.10 -31.42 -7.84
CA SER B 295 -7.50 -31.09 -7.62
C SER B 295 -7.87 -31.36 -6.17
N SER B 296 -8.52 -30.38 -5.53
CA SER B 296 -8.96 -30.56 -4.15
C SER B 296 -10.00 -31.67 -4.04
N GLN B 297 -10.85 -31.83 -5.07
CA GLN B 297 -11.83 -32.91 -5.07
C GLN B 297 -11.15 -34.27 -5.10
N ARG B 298 -10.03 -34.38 -5.81
CA ARG B 298 -9.25 -35.62 -5.79
C ARG B 298 -8.71 -35.90 -4.40
N VAL B 299 -8.25 -34.85 -3.71
CA VAL B 299 -7.78 -35.01 -2.34
C VAL B 299 -8.93 -35.45 -1.44
N VAL B 300 -10.13 -34.87 -1.63
CA VAL B 300 -11.27 -35.22 -0.80
C VAL B 300 -11.69 -36.67 -1.05
N LEU B 301 -11.63 -37.11 -2.30
CA LEU B 301 -12.03 -38.49 -2.61
C LEU B 301 -11.10 -39.50 -1.97
N GLU B 302 -9.80 -39.20 -1.87
CA GLU B 302 -8.86 -40.16 -1.31
C GLU B 302 -8.95 -40.23 0.21
N VAL B 303 -9.12 -39.08 0.88
CA VAL B 303 -9.26 -39.10 2.33
C VAL B 303 -10.58 -39.76 2.74
N GLU B 304 -11.63 -39.57 1.94
CA GLU B 304 -12.90 -40.21 2.23
C GLU B 304 -12.80 -41.74 2.14
N LYS B 305 -11.93 -42.24 1.26
CA LYS B 305 -11.70 -43.68 1.15
C LYS B 305 -10.73 -44.20 2.20
N ALA B 306 -10.06 -43.32 2.94
CA ALA B 306 -9.07 -43.74 3.91
C ALA B 306 -9.74 -44.28 5.18
N GLU B 307 -8.98 -45.11 5.90
CA GLU B 307 -9.41 -45.66 7.19
C GLU B 307 -8.46 -45.11 8.24
N SER B 308 -8.78 -43.92 8.76
CA SER B 308 -7.95 -43.26 9.74
C SER B 308 -8.80 -42.79 10.92
N ASN B 309 -8.22 -41.97 11.79
CA ASN B 309 -8.97 -41.44 12.92
C ASN B 309 -10.14 -40.59 12.42
N PRO B 310 -11.37 -40.88 12.84
CA PRO B 310 -12.51 -40.08 12.37
C PRO B 310 -12.40 -38.60 12.73
N GLY B 311 -11.85 -38.29 13.90
CA GLY B 311 -11.67 -36.89 14.28
C GLY B 311 -10.57 -36.21 13.51
N SER B 312 -9.56 -36.97 13.06
CA SER B 312 -8.48 -36.38 12.28
C SER B 312 -8.94 -36.05 10.86
N LYS B 313 -9.68 -36.95 10.22
CA LYS B 313 -10.16 -36.69 8.88
C LYS B 313 -11.25 -35.63 8.87
N LYS B 314 -12.09 -35.59 9.89
CA LYS B 314 -13.12 -34.56 9.98
C LYS B 314 -12.51 -33.18 10.12
N ALA B 315 -11.37 -33.08 10.80
CA ALA B 315 -10.68 -31.80 10.92
C ALA B 315 -10.02 -31.39 9.60
N PHE B 316 -9.53 -32.38 8.83
CA PHE B 316 -8.91 -32.06 7.55
C PHE B 316 -9.94 -31.62 6.52
N LEU B 317 -11.12 -32.24 6.53
CA LEU B 317 -12.18 -31.85 5.61
C LEU B 317 -12.67 -30.45 5.89
N ASP B 318 -12.69 -30.04 7.16
CA ASP B 318 -13.11 -28.69 7.51
C ASP B 318 -12.16 -27.63 7.01
N GLU B 319 -10.94 -28.01 6.62
CA GLU B 319 -9.95 -27.08 6.08
C GLU B 319 -9.95 -27.05 4.56
N ILE B 320 -10.04 -28.22 3.92
CA ILE B 320 -9.95 -28.28 2.46
C ILE B 320 -11.28 -27.93 1.80
N LEU B 321 -12.40 -28.20 2.48
CA LEU B 321 -13.72 -27.92 1.91
C LEU B 321 -14.32 -26.62 2.42
N ILE B 322 -14.32 -26.40 3.73
CA ILE B 322 -15.03 -25.26 4.29
C ILE B 322 -14.21 -23.98 4.11
N TRP B 323 -13.01 -23.94 4.68
CA TRP B 323 -12.25 -22.69 4.71
C TRP B 323 -11.56 -22.38 3.39
N LYS B 324 -11.29 -23.39 2.55
CA LYS B 324 -10.73 -23.10 1.24
C LYS B 324 -11.78 -22.50 0.32
N GLU B 325 -12.99 -23.06 0.31
CA GLU B 325 -14.06 -22.56 -0.54
C GLU B 325 -14.71 -21.31 0.01
N ILE B 326 -14.58 -21.04 1.32
CA ILE B 326 -15.09 -19.79 1.87
C ILE B 326 -14.20 -18.62 1.46
N SER B 327 -12.94 -18.87 1.12
CA SER B 327 -12.08 -17.80 0.65
C SER B 327 -12.46 -17.37 -0.77
N ASP B 328 -12.87 -18.32 -1.61
CA ASP B 328 -13.40 -17.98 -2.92
C ASP B 328 -14.69 -17.18 -2.78
N ASN B 329 -15.53 -17.55 -1.82
CA ASN B 329 -16.77 -16.81 -1.58
C ASN B 329 -16.47 -15.38 -1.15
N PHE B 330 -15.46 -15.20 -0.29
CA PHE B 330 -15.11 -13.86 0.18
C PHE B 330 -14.58 -13.01 -0.97
N CYS B 331 -13.76 -13.59 -1.85
CA CYS B 331 -13.19 -12.83 -2.97
C CYS B 331 -14.21 -12.61 -4.08
N TYR B 332 -15.10 -13.57 -4.32
CA TYR B 332 -16.05 -13.46 -5.42
C TYR B 332 -17.16 -12.46 -5.14
N TYR B 333 -17.49 -12.23 -3.87
CA TYR B 333 -18.59 -11.34 -3.51
C TYR B 333 -18.13 -10.03 -2.88
N ASN B 334 -16.83 -9.88 -2.60
CA ASN B 334 -16.27 -8.63 -2.09
C ASN B 334 -15.13 -8.21 -3.02
N PRO B 335 -15.38 -7.29 -3.96
CA PRO B 335 -14.31 -6.89 -4.89
C PRO B 335 -13.10 -6.27 -4.19
N GLY B 336 -13.30 -5.59 -3.07
CA GLY B 336 -12.18 -5.03 -2.32
C GLY B 336 -11.69 -5.96 -1.23
N TYR B 337 -11.46 -7.22 -1.58
CA TYR B 337 -11.08 -8.22 -0.59
C TYR B 337 -9.73 -7.94 0.06
N ASP B 338 -8.91 -7.09 -0.55
CA ASP B 338 -7.60 -6.76 0.00
C ASP B 338 -7.57 -5.38 0.64
N GLY B 339 -8.73 -4.78 0.90
CA GLY B 339 -8.81 -3.44 1.46
C GLY B 339 -9.46 -3.43 2.84
N PHE B 340 -9.35 -2.27 3.49
CA PHE B 340 -9.95 -2.10 4.82
C PHE B 340 -11.47 -2.05 4.74
N GLU B 341 -12.03 -1.64 3.60
CA GLU B 341 -13.48 -1.49 3.47
C GLU B 341 -14.19 -2.83 3.59
N SER B 342 -13.55 -3.92 3.17
CA SER B 342 -14.19 -5.23 3.22
C SER B 342 -14.34 -5.77 4.64
N PHE B 343 -13.75 -5.09 5.63
CA PHE B 343 -13.85 -5.55 7.00
C PHE B 343 -15.27 -5.34 7.53
N PRO B 344 -15.68 -6.15 8.52
CA PRO B 344 -17.01 -5.94 9.12
C PRO B 344 -17.10 -4.61 9.83
N SER B 345 -18.34 -4.14 9.98
CA SER B 345 -18.57 -2.83 10.57
C SER B 345 -18.09 -2.76 12.02
N TRP B 346 -18.19 -3.87 12.76
CA TRP B 346 -17.68 -3.87 14.13
C TRP B 346 -16.16 -3.72 14.16
N ALA B 347 -15.46 -4.35 13.21
CA ALA B 347 -14.01 -4.29 13.20
C ALA B 347 -13.52 -2.92 12.72
N LYS B 348 -14.20 -2.33 11.75
CA LYS B 348 -13.83 -1.00 11.29
C LYS B 348 -14.02 0.04 12.39
N GLU B 349 -15.11 -0.07 13.15
CA GLU B 349 -15.33 0.85 14.27
C GLU B 349 -14.28 0.65 15.36
N SER B 350 -13.92 -0.61 15.63
CA SER B 350 -12.94 -0.88 16.68
C SER B 350 -11.55 -0.39 16.30
N LEU B 351 -11.14 -0.60 15.03
CA LEU B 351 -9.81 -0.18 14.62
C LEU B 351 -9.73 1.32 14.43
N ASN B 352 -10.83 1.98 14.06
CA ASN B 352 -10.82 3.43 13.90
C ASN B 352 -10.70 4.14 15.24
N ALA B 353 -11.29 3.57 16.30
CA ALA B 353 -11.25 4.19 17.62
C ALA B 353 -9.91 4.02 18.32
N HIS B 354 -9.05 3.13 17.83
CA HIS B 354 -7.74 2.89 18.43
C HIS B 354 -6.61 3.28 17.48
N ARG B 355 -6.89 4.21 16.56
CA ARG B 355 -5.85 4.66 15.64
C ARG B 355 -4.82 5.54 16.34
N ASN B 356 -5.26 6.36 17.29
CA ASN B 356 -4.37 7.25 18.01
C ASN B 356 -3.67 6.56 19.19
N ASP B 357 -3.97 5.29 19.44
CA ASP B 357 -3.33 4.58 20.54
C ASP B 357 -1.85 4.40 20.24
N VAL B 358 -1.01 4.66 21.26
CA VAL B 358 0.43 4.53 21.08
C VAL B 358 0.81 3.06 20.97
N ARG B 359 1.61 2.72 19.97
CA ARG B 359 2.06 1.35 19.76
C ARG B 359 3.27 1.05 20.60
N SER B 360 3.39 -0.21 21.02
CA SER B 360 4.57 -0.63 21.77
C SER B 360 5.83 -0.52 20.92
N HIS B 361 5.76 -0.95 19.66
CA HIS B 361 6.87 -0.86 18.73
C HIS B 361 6.33 -0.47 17.36
N ILE B 362 7.19 0.15 16.55
CA ILE B 362 6.85 0.55 15.20
C ILE B 362 7.95 0.06 14.27
N TYR B 363 7.58 -0.75 13.28
CA TYR B 363 8.51 -1.31 12.32
C TYR B 363 8.02 -1.04 10.91
N THR B 364 8.97 -0.82 9.99
CA THR B 364 8.64 -0.57 8.60
C THR B 364 8.61 -1.88 7.82
N LEU B 365 8.38 -1.77 6.51
CA LEU B 365 8.29 -2.96 5.66
C LEU B 365 9.61 -3.73 5.62
N GLU B 366 10.73 -3.00 5.52
CA GLU B 366 12.03 -3.66 5.44
C GLU B 366 12.37 -4.36 6.76
N GLU B 367 12.07 -3.73 7.89
CA GLU B 367 12.33 -4.37 9.18
C GLU B 367 11.50 -5.63 9.36
N PHE B 368 10.24 -5.59 8.92
CA PHE B 368 9.42 -6.80 8.94
C PHE B 368 9.94 -7.82 7.93
N GLU B 369 10.47 -7.36 6.80
CA GLU B 369 10.96 -8.28 5.78
C GLU B 369 12.22 -9.01 6.24
N ALA B 370 13.15 -8.27 6.86
CA ALA B 370 14.42 -8.85 7.28
C ALA B 370 14.34 -9.61 8.59
N GLY B 371 13.18 -9.61 9.25
CA GLY B 371 13.05 -10.28 10.53
C GLY B 371 13.91 -9.66 11.61
N LYS B 372 13.81 -8.34 11.76
CA LYS B 372 14.63 -7.62 12.72
C LYS B 372 13.76 -6.96 13.79
N THR B 373 12.78 -7.68 14.29
CA THR B 373 11.88 -7.19 15.33
C THR B 373 12.36 -7.64 16.71
N HIS B 374 11.79 -7.01 17.74
CA HIS B 374 12.11 -7.40 19.11
C HIS B 374 11.56 -8.77 19.47
N ASP B 375 10.56 -9.26 18.75
CA ASP B 375 9.99 -10.56 19.02
C ASP B 375 10.83 -11.64 18.36
N PRO B 376 11.47 -12.54 19.13
CA PRO B 376 12.26 -13.60 18.49
C PRO B 376 11.40 -14.69 17.88
N LEU B 377 10.17 -14.90 18.38
CA LEU B 377 9.28 -15.88 17.78
C LEU B 377 8.76 -15.42 16.43
N TRP B 378 8.44 -14.11 16.32
CA TRP B 378 8.00 -13.57 15.04
C TRP B 378 9.10 -13.65 13.98
N ASN B 379 10.34 -13.35 14.37
CA ASN B 379 11.45 -13.42 13.43
C ASN B 379 11.66 -14.86 12.95
N ALA B 380 11.51 -15.84 13.84
CA ALA B 380 11.60 -17.23 13.41
C ALA B 380 10.49 -17.58 12.43
N SER B 381 9.28 -17.07 12.65
CA SER B 381 8.19 -17.30 11.71
C SER B 381 8.50 -16.68 10.36
N GLN B 382 9.05 -15.46 10.35
CA GLN B 382 9.47 -14.85 9.10
C GLN B 382 10.65 -15.60 8.48
N MET B 383 11.54 -16.12 9.33
CA MET B 383 12.68 -16.89 8.83
C MET B 383 12.23 -18.13 8.08
N GLU B 384 11.22 -18.83 8.61
CA GLU B 384 10.67 -19.98 7.91
C GLU B 384 10.04 -19.58 6.58
N LEU B 385 9.50 -18.37 6.50
CA LEU B 385 8.87 -17.92 5.26
C LEU B 385 9.90 -17.65 4.17
N LEU B 386 11.02 -17.00 4.51
CA LEU B 386 12.01 -16.66 3.50
C LEU B 386 12.84 -17.86 3.07
N SER B 387 13.00 -18.85 3.95
CA SER B 387 13.85 -20.00 3.63
C SER B 387 13.08 -21.08 2.89
N THR B 388 12.01 -21.61 3.49
CA THR B 388 11.26 -22.71 2.91
C THR B 388 10.15 -22.26 1.98
N GLY B 389 9.84 -20.96 1.94
CA GLY B 389 8.76 -20.47 1.12
C GLY B 389 7.38 -20.82 1.63
N LYS B 390 7.27 -21.49 2.77
CA LYS B 390 5.99 -21.88 3.34
CA LYS B 390 5.99 -21.89 3.35
C LYS B 390 6.07 -21.72 4.86
N MET B 391 5.08 -21.03 5.42
CA MET B 391 5.00 -20.83 6.85
C MET B 391 3.95 -21.74 7.45
N HIS B 392 4.21 -22.21 8.68
CA HIS B 392 3.25 -23.07 9.35
C HIS B 392 1.94 -22.33 9.57
N GLY B 393 0.84 -23.08 9.45
CA GLY B 393 -0.47 -22.45 9.55
C GLY B 393 -0.73 -21.77 10.87
N TYR B 394 -0.19 -22.31 11.95
CA TYR B 394 -0.37 -21.67 13.25
C TYR B 394 0.50 -20.42 13.38
N THR B 395 1.73 -20.47 12.86
CA THR B 395 2.61 -19.31 12.97
C THR B 395 2.16 -18.15 12.10
N ARG B 396 1.31 -18.40 11.09
CA ARG B 396 0.83 -17.32 10.24
C ARG B 396 -0.11 -16.39 10.98
N MET B 397 -0.84 -16.90 11.97
CA MET B 397 -1.69 -16.03 12.79
C MET B 397 -0.82 -15.09 13.63
N TYR B 398 0.19 -15.63 14.31
CA TYR B 398 1.09 -14.80 15.09
C TYR B 398 1.83 -13.81 14.20
N TRP B 399 2.17 -14.22 12.98
CA TRP B 399 2.95 -13.38 12.08
C TRP B 399 2.14 -12.18 11.60
N ALA B 400 0.92 -12.41 11.12
CA ALA B 400 0.12 -11.34 10.54
C ALA B 400 -0.44 -10.40 11.60
N LYS B 401 -0.94 -10.96 12.71
CA LYS B 401 -1.57 -10.12 13.72
C LYS B 401 -0.57 -9.22 14.42
N LYS B 402 0.65 -9.72 14.63
CA LYS B 402 1.69 -8.91 15.28
C LYS B 402 2.09 -7.72 14.40
N ILE B 403 1.94 -7.85 13.09
CA ILE B 403 2.17 -6.72 12.19
C ILE B 403 1.18 -5.60 12.49
N LEU B 404 -0.08 -5.97 12.71
CA LEU B 404 -1.10 -4.98 13.09
C LEU B 404 -0.76 -4.32 14.41
N GLU B 405 -0.17 -5.08 15.35
CA GLU B 405 0.18 -4.53 16.65
C GLU B 405 1.40 -3.62 16.59
N TRP B 406 2.28 -3.81 15.60
CA TRP B 406 3.53 -3.05 15.52
C TRP B 406 3.60 -2.19 14.26
N SER B 407 2.45 -1.74 13.78
CA SER B 407 2.38 -0.81 12.66
C SER B 407 1.73 0.49 13.12
N GLU B 408 1.96 1.54 12.33
CA GLU B 408 1.45 2.87 12.70
C GLU B 408 -0.04 3.02 12.40
N SER B 409 -0.56 2.31 11.40
CA SER B 409 -1.95 2.42 11.00
C SER B 409 -2.47 1.06 10.57
N PRO B 410 -3.78 0.82 10.69
CA PRO B 410 -4.34 -0.45 10.20
C PRO B 410 -4.12 -0.67 8.72
N GLU B 411 -4.17 0.39 7.92
CA GLU B 411 -3.95 0.24 6.48
C GLU B 411 -2.52 -0.15 6.16
N LYS B 412 -1.55 0.39 6.91
CA LYS B 412 -0.16 0.00 6.71
C LYS B 412 0.08 -1.45 7.08
N ALA B 413 -0.65 -1.97 8.07
CA ALA B 413 -0.54 -3.37 8.43
C ALA B 413 -1.05 -4.26 7.30
N LEU B 414 -2.13 -3.87 6.65
CA LEU B 414 -2.67 -4.65 5.54
C LEU B 414 -1.67 -4.70 4.37
N GLU B 415 -1.05 -3.56 4.06
CA GLU B 415 -0.10 -3.53 2.96
C GLU B 415 1.13 -4.38 3.26
N ILE B 416 1.66 -4.28 4.48
CA ILE B 416 2.86 -5.05 4.83
C ILE B 416 2.56 -6.54 4.83
N ALA B 417 1.42 -6.94 5.39
CA ALA B 417 1.08 -8.35 5.47
C ALA B 417 0.82 -8.93 4.08
N ILE B 418 0.06 -8.21 3.25
CA ILE B 418 -0.27 -8.71 1.92
C ILE B 418 0.98 -8.78 1.04
N CYS B 419 1.84 -7.76 1.13
CA CYS B 419 3.06 -7.75 0.32
C CYS B 419 3.96 -8.93 0.66
N LEU B 420 4.23 -9.13 1.95
CA LEU B 420 5.08 -10.24 2.36
C LEU B 420 4.42 -11.59 2.07
N ASN B 421 3.10 -11.67 2.22
CA ASN B 421 2.40 -12.92 1.91
C ASN B 421 2.47 -13.24 0.42
N ASP B 422 2.31 -12.24 -0.44
CA ASP B 422 2.30 -12.47 -1.88
C ASP B 422 3.70 -12.56 -2.48
N ARG B 423 4.73 -12.16 -1.75
CA ARG B 423 6.09 -12.13 -2.29
C ARG B 423 6.90 -13.36 -1.96
N TYR B 424 6.62 -14.03 -0.84
CA TYR B 424 7.45 -15.14 -0.36
C TYR B 424 6.70 -16.45 -0.17
N GLU B 425 5.38 -16.43 -0.03
CA GLU B 425 4.63 -17.67 0.12
C GLU B 425 4.47 -18.35 -1.22
N LEU B 426 4.75 -19.67 -1.26
CA LEU B 426 4.51 -20.43 -2.48
C LEU B 426 3.02 -20.47 -2.82
N ASP B 427 2.16 -20.34 -1.82
CA ASP B 427 0.73 -20.27 -2.02
C ASP B 427 0.20 -18.83 -2.00
N GLY B 428 1.08 -17.86 -2.19
CA GLY B 428 0.67 -16.47 -2.17
C GLY B 428 -0.14 -16.09 -3.40
N ARG B 429 -0.70 -14.89 -3.34
CA ARG B 429 -1.59 -14.38 -4.38
C ARG B 429 -2.76 -15.34 -4.62
N ASP B 430 -3.35 -15.79 -3.52
CA ASP B 430 -4.45 -16.74 -3.53
C ASP B 430 -5.61 -16.19 -2.71
N PRO B 431 -6.84 -16.57 -3.05
CA PRO B 431 -7.99 -16.17 -2.21
C PRO B 431 -7.85 -16.62 -0.76
N ASN B 432 -7.19 -17.75 -0.52
CA ASN B 432 -6.93 -18.16 0.86
C ASN B 432 -6.06 -17.15 1.58
N GLY B 433 -5.12 -16.52 0.88
CA GLY B 433 -4.28 -15.51 1.51
C GLY B 433 -5.06 -14.23 1.83
N TYR B 434 -5.86 -13.77 0.87
CA TYR B 434 -6.61 -12.53 1.09
C TYR B 434 -7.69 -12.70 2.15
N ALA B 435 -8.17 -13.92 2.35
CA ALA B 435 -9.13 -14.20 3.41
C ALA B 435 -8.45 -14.50 4.74
N GLY B 436 -7.32 -15.22 4.70
CA GLY B 436 -6.58 -15.48 5.93
C GLY B 436 -6.02 -14.23 6.56
N ILE B 437 -5.53 -13.30 5.72
CA ILE B 437 -5.06 -12.01 6.23
C ILE B 437 -6.25 -11.19 6.73
N ALA B 438 -7.37 -11.23 6.00
CA ALA B 438 -8.56 -10.52 6.45
C ALA B 438 -9.08 -11.09 7.76
N TRP B 439 -8.98 -12.42 7.93
CA TRP B 439 -9.32 -13.03 9.22
C TRP B 439 -8.36 -12.58 10.31
N SER B 440 -7.08 -12.42 9.97
CA SER B 440 -6.08 -12.06 10.97
C SER B 440 -6.21 -10.61 11.40
N ILE B 441 -6.20 -9.69 10.46
CA ILE B 441 -6.18 -8.26 10.79
C ILE B 441 -7.59 -7.69 10.86
N GLY B 442 -8.42 -7.98 9.85
CA GLY B 442 -9.76 -7.42 9.80
C GLY B 442 -10.83 -8.20 10.54
N GLY B 443 -10.52 -9.40 11.02
CA GLY B 443 -11.51 -10.17 11.75
C GLY B 443 -12.63 -10.74 10.91
N VAL B 444 -12.44 -10.83 9.60
CA VAL B 444 -13.45 -11.43 8.74
C VAL B 444 -13.56 -12.92 9.03
N HIS B 445 -14.79 -13.44 8.98
CA HIS B 445 -15.09 -14.83 9.34
C HIS B 445 -14.75 -15.13 10.79
N ASP B 446 -14.70 -14.11 11.63
CA ASP B 446 -14.42 -14.28 13.05
C ASP B 446 -15.41 -13.45 13.87
N ARG B 447 -15.19 -13.36 15.18
CA ARG B 447 -16.05 -12.60 16.06
C ARG B 447 -15.20 -11.66 16.91
N ALA B 448 -15.87 -10.77 17.64
CA ALA B 448 -15.20 -9.79 18.47
C ALA B 448 -14.70 -10.43 19.76
N TRP B 449 -13.62 -9.88 20.30
CA TRP B 449 -13.05 -10.34 21.56
C TRP B 449 -12.81 -9.15 22.49
N GLY B 450 -12.18 -9.39 23.63
CA GLY B 450 -11.95 -8.35 24.61
C GLY B 450 -11.21 -7.15 24.06
N GLU B 451 -11.73 -5.95 24.34
CA GLU B 451 -11.13 -4.73 23.81
C GLU B 451 -9.77 -4.48 24.43
N ARG B 452 -8.78 -4.20 23.58
CA ARG B 452 -7.42 -3.92 24.01
C ARG B 452 -6.94 -2.65 23.30
N GLU B 453 -5.73 -2.23 23.64
CA GLU B 453 -5.13 -1.08 22.98
C GLU B 453 -4.66 -1.44 21.59
N VAL B 454 -4.69 -0.44 20.69
CA VAL B 454 -4.18 -0.55 19.32
C VAL B 454 -5.03 -1.54 18.52
N THR B 455 -5.06 -2.80 18.95
CA THR B 455 -5.78 -3.82 18.18
C THR B 455 -7.29 -3.71 18.37
N GLY B 456 -7.74 -3.26 19.54
CA GLY B 456 -9.18 -3.12 19.76
C GLY B 456 -9.80 -4.45 20.11
N LYS B 457 -10.92 -4.75 19.46
CA LYS B 457 -11.67 -5.98 19.71
C LYS B 457 -11.28 -7.12 18.79
N ILE B 458 -10.26 -6.93 17.94
CA ILE B 458 -9.78 -8.01 17.10
C ILE B 458 -9.17 -9.09 17.98
N ARG B 459 -9.21 -10.33 17.50
CA ARG B 459 -8.68 -11.47 18.26
C ARG B 459 -7.22 -11.24 18.61
N TYR B 460 -6.87 -11.49 19.87
CA TYR B 460 -5.54 -11.21 20.39
C TYR B 460 -4.79 -12.51 20.67
N MET B 461 -3.48 -12.47 20.43
CA MET B 461 -2.59 -13.58 20.71
CA MET B 461 -2.59 -13.58 20.71
C MET B 461 -1.35 -13.04 21.40
N SER B 462 -0.76 -13.86 22.27
CA SER B 462 0.40 -13.44 23.04
C SER B 462 1.56 -14.40 22.84
N TYR B 463 2.78 -13.86 22.98
CA TYR B 463 3.96 -14.70 23.02
C TYR B 463 3.88 -15.69 24.19
N GLU B 464 3.23 -15.29 25.28
CA GLU B 464 3.01 -16.21 26.40
C GLU B 464 1.97 -17.28 26.06
N GLY B 465 0.97 -16.93 25.25
CA GLY B 465 -0.04 -17.90 24.85
C GLY B 465 0.49 -18.97 23.92
N CYS B 466 1.54 -18.67 23.15
CA CYS B 466 2.15 -19.66 22.28
C CYS B 466 2.94 -20.71 23.06
N LYS B 467 3.29 -20.43 24.31
CA LYS B 467 4.15 -21.31 25.10
C LYS B 467 3.39 -22.44 25.75
N ARG B 468 2.13 -22.22 26.11
CA ARG B 468 1.30 -23.27 26.70
C ARG B 468 0.86 -24.32 25.70
N LYS B 469 1.04 -24.07 24.41
CA LYS B 469 0.52 -24.94 23.36
C LYS B 469 1.60 -25.74 22.63
N PHE B 470 2.81 -25.21 22.51
CA PHE B 470 3.88 -25.93 21.82
C PHE B 470 5.22 -25.44 22.34
N ASP B 471 6.27 -26.16 21.92
CA ASP B 471 7.64 -25.82 22.31
C ASP B 471 8.12 -24.66 21.44
N VAL B 472 8.04 -23.45 21.98
CA VAL B 472 8.49 -22.28 21.23
C VAL B 472 10.01 -22.31 21.04
N LYS B 473 10.74 -22.81 22.05
CA LYS B 473 12.19 -22.86 21.96
C LYS B 473 12.68 -23.77 20.84
N LEU B 474 11.86 -24.74 20.41
CA LEU B 474 12.25 -25.61 19.32
C LEU B 474 11.98 -24.99 17.96
N TYR B 475 10.92 -24.18 17.85
CA TYR B 475 10.59 -23.55 16.57
C TYR B 475 11.58 -22.46 16.21
N ILE B 476 12.19 -21.82 17.21
CA ILE B 476 13.12 -20.73 16.93
C ILE B 476 14.50 -21.26 16.57
N GLU B 477 14.94 -22.34 17.23
CA GLU B 477 16.27 -22.88 16.95
C GLU B 477 16.35 -23.49 15.55
N LYS B 478 15.22 -23.93 14.99
CA LYS B 478 15.22 -24.48 13.64
C LYS B 478 15.46 -23.41 12.60
N TYR B 479 15.00 -22.19 12.85
CA TYR B 479 15.12 -21.11 11.87
C TYR B 479 15.89 -19.92 12.45
N SER B 480 16.99 -20.19 13.14
CA SER B 480 17.82 -19.13 13.71
C SER B 480 18.77 -18.56 12.67
P TTD C 7 -14.43 26.04 -2.29
OP1 TTD C 7 -13.60 25.17 -1.37
OP2 TTD C 7 -14.48 27.53 -2.03
O5' TTD C 7 -13.86 25.86 -3.77
C5' TTD C 7 -12.85 24.92 -4.09
C4R TTD C 7 -12.10 25.49 -5.29
O4' TTD C 7 -10.73 25.75 -4.97
C3R TTD C 7 -12.13 24.59 -6.51
O3R TTD C 7 -12.61 25.39 -7.57
C2' TTD C 7 -10.68 24.24 -6.77
C1' TTD C 7 -9.96 25.42 -6.13
N1 TTD C 7 -8.63 25.06 -5.78
C2 TTD C 7 -7.77 26.07 -5.68
O2 TTD C 7 -8.13 27.22 -5.98
N3 TTD C 7 -6.54 25.85 -5.20
C4 TTD C 7 -6.10 24.71 -4.65
O4 TTD C 7 -5.03 24.65 -4.06
C5 TTD C 7 -6.92 23.44 -4.75
C5A TTD C 7 -7.52 22.66 -3.56
C6 TTD C 7 -8.20 23.66 -5.56
PB TTD C 7 -13.15 24.77 -8.96
O5P TTD C 7 -13.80 25.88 -9.75
O4P TTD C 7 -13.93 23.51 -8.64
O5R TTD C 7 -11.79 24.35 -9.71
C5R TTD C 7 -10.95 25.36 -10.25
O4R TTD C 7 -8.67 25.03 -9.41
C2R TTD C 7 -8.41 22.73 -9.90
C1R TTD C 7 -7.69 23.99 -9.43
N1T TTD C 7 -6.99 23.88 -8.13
C2T TTD C 7 -5.62 24.19 -8.42
O2T TTD C 7 -5.41 25.25 -9.00
N3T TTD C 7 -4.61 23.41 -8.04
C4T TTD C 7 -4.73 22.26 -7.37
O4T TTD C 7 -3.77 21.51 -7.22
C5T TTD C 7 -6.09 21.88 -6.83
C5M TTD C 7 -6.34 20.36 -6.85
C6T TTD C 7 -7.26 22.63 -7.40
C4' TTD C 7 -9.56 24.79 -10.49
C3' TTD C 7 -9.59 23.28 -10.68
O3' TTD C 7 -9.41 22.98 -12.07
P TTD E 7 -17.09 -21.10 12.80
OP1 TTD E 7 -16.92 -20.07 11.74
OP2 TTD E 7 -17.13 -22.49 12.23
O5' TTD E 7 -15.72 -21.06 13.74
C5' TTD E 7 -14.38 -21.12 13.17
C4R TTD E 7 -13.42 -21.76 14.14
O4' TTD E 7 -12.37 -22.38 13.36
C3R TTD E 7 -12.69 -20.84 15.14
O3R TTD E 7 -12.49 -21.56 16.34
C2' TTD E 7 -11.34 -20.68 14.48
C1' TTD E 7 -11.12 -22.08 13.95
N1 TTD E 7 -10.11 -22.10 12.85
C2 TTD E 7 -10.07 -23.23 12.13
O2 TTD E 7 -10.52 -24.27 12.59
N3 TTD E 7 -9.75 -23.09 10.82
C4 TTD E 7 -9.04 -22.05 10.26
O4 TTD E 7 -8.68 -22.09 9.08
C5 TTD E 7 -8.71 -20.87 11.14
C5A TTD E 7 -9.13 -19.57 10.43
C6 TTD E 7 -9.26 -20.97 12.59
PB TTD E 7 -11.94 -20.70 17.59
O5P TTD E 7 -12.34 -21.52 18.80
O4P TTD E 7 -12.42 -19.28 17.53
O5R TTD E 7 -10.34 -20.69 17.35
C5R TTD E 7 -9.62 -21.80 17.93
O4R TTD E 7 -8.56 -22.37 15.82
C2R TTD E 7 -6.71 -20.97 15.74
C1R TTD E 7 -7.32 -22.24 15.15
N1T TTD E 7 -7.50 -22.32 13.66
C2T TTD E 7 -6.70 -23.24 13.01
O2T TTD E 7 -6.34 -24.26 13.57
N3T TTD E 7 -6.12 -22.90 11.85
C4T TTD E 7 -6.24 -21.72 11.18
O4T TTD E 7 -5.57 -21.46 10.20
C5T TTD E 7 -7.24 -20.75 11.73
C5M TTD E 7 -6.60 -19.37 11.65
C6T TTD E 7 -7.82 -21.02 13.15
C4' TTD E 7 -8.30 -22.01 17.20
C3' TTD E 7 -7.33 -20.82 17.13
O3' TTD E 7 -6.47 -20.67 18.27
S SO4 G . 16.99 9.73 -6.24
O1 SO4 G . 15.88 10.15 -5.37
O2 SO4 G . 17.25 8.31 -6.01
O3 SO4 G . 16.62 9.94 -7.63
O4 SO4 G . 18.18 10.51 -5.93
PA FAD H . 2.80 27.61 -5.47
O1A FAD H . 3.93 28.56 -5.47
O2A FAD H . 1.67 27.94 -6.45
O5B FAD H . 2.22 27.42 -4.02
C5B FAD H . 2.76 28.14 -2.90
C4B FAD H . 2.62 27.27 -1.67
O4B FAD H . 1.22 27.05 -1.39
C3B FAD H . 3.23 25.88 -1.77
O3B FAD H . 4.61 25.90 -1.44
C2B FAD H . 2.41 25.09 -0.75
O2B FAD H . 2.89 25.26 0.56
C1B FAD H . 1.02 25.73 -0.90
N9A FAD H . 0.14 25.03 -1.82
C8A FAD H . -0.05 25.28 -3.15
N7A FAD H . -0.91 24.48 -3.74
C5A FAD H . -1.33 23.64 -2.71
C6A FAD H . -2.24 22.57 -2.67
N6A FAD H . -2.94 22.15 -3.72
N1A FAD H . -2.42 21.95 -1.48
C2A FAD H . -1.74 22.37 -0.42
N3A FAD H . -0.85 23.37 -0.34
C4A FAD H . -0.68 23.97 -1.53
N1 FAD H . 2.62 19.78 -1.91
C2 FAD H . 3.64 19.47 -1.08
O2 FAD H . 4.18 20.33 -0.38
N3 FAD H . 4.14 18.21 -1.00
C4 FAD H . 3.62 17.17 -1.74
O4 FAD H . 4.09 16.05 -1.64
C4X FAD H . 2.55 17.46 -2.60
N5 FAD H . 2.03 16.56 -3.39
C5X FAD H . 0.84 16.80 -4.02
C6 FAD H . 0.16 15.75 -4.65
C7 FAD H . -0.94 15.98 -5.44
C7M FAD H . -1.65 14.83 -6.10
C8 FAD H . -1.39 17.31 -5.63
C8M FAD H . -2.60 17.59 -6.49
C9 FAD H . -0.73 18.35 -5.02
C9A FAD H . 0.39 18.13 -4.20
N10 FAD H . 0.99 19.12 -3.42
C10 FAD H . 2.09 18.82 -2.63
C1' FAD H . 0.52 20.48 -3.45
C2' FAD H . 1.02 21.31 -4.62
O2' FAD H . 1.13 20.53 -5.82
C3' FAD H . 2.40 21.88 -4.27
O3' FAD H . 2.33 22.53 -3.01
C4' FAD H . 2.93 22.87 -5.31
O4' FAD H . 2.64 22.39 -6.62
C5' FAD H . 4.41 23.14 -5.15
O5' FAD H . 4.80 24.18 -6.07
P FAD H . 4.83 25.69 -5.63
O1P FAD H . 5.17 25.79 -4.14
O2P FAD H . 5.70 26.48 -6.52
O3P FAD H . 3.32 26.15 -5.83
PA FAD I . -3.54 -27.79 5.65
O1A FAD I . -3.05 -29.07 5.06
O2A FAD I . -4.04 -27.89 7.09
O5B FAD I . -4.66 -27.15 4.75
C5B FAD I . -5.45 -27.97 3.86
C4B FAD I . -5.92 -27.07 2.73
O4B FAD I . -7.10 -26.36 3.15
C3B FAD I . -4.91 -26.00 2.32
O3B FAD I . -4.06 -26.47 1.27
C2B FAD I . -5.83 -24.86 1.84
O2B FAD I . -6.25 -25.06 0.49
C1B FAD I . -7.00 -24.99 2.80
N9A FAD I . -6.86 -24.22 4.04
C8A FAD I . -6.29 -24.63 5.22
N7A FAD I . -6.31 -23.72 6.17
C5A FAD I . -6.92 -22.63 5.57
C6A FAD I . -7.25 -21.35 6.04
N6A FAD I . -6.97 -20.93 7.27
N1A FAD I . -7.87 -20.50 5.18
C2A FAD I . -8.14 -20.92 3.95
N3A FAD I . -7.88 -22.10 3.39
C4A FAD I . -7.27 -22.93 4.26
N1 FAD I . -3.28 -20.12 2.25
C2 FAD I . -2.81 -20.11 0.97
O2 FAD I . -3.05 -21.04 0.19
N3 FAD I . -2.07 -19.04 0.53
C4 FAD I . -1.72 -17.93 1.26
O4 FAD I . -1.04 -17.03 0.76
C4X FAD I . -2.21 -17.95 2.63
N5 FAD I . -1.92 -16.95 3.40
C5X FAD I . -2.41 -16.97 4.71
C6 FAD I . -2.11 -15.90 5.54
C7 FAD I . -2.56 -15.88 6.87
C7M FAD I . -2.22 -14.70 7.74
C8 FAD I . -3.32 -16.95 7.35
C8M FAD I . -3.83 -16.95 8.77
C9 FAD I . -3.62 -18.02 6.51
C9A FAD I . -3.17 -18.03 5.20
N10 FAD I . -3.44 -19.11 4.33
C10 FAD I . -2.99 -19.10 3.03
C1' FAD I . -4.23 -20.26 4.78
C2' FAD I . -3.42 -21.33 5.52
O2' FAD I . -2.31 -20.73 6.19
C3' FAD I . -2.91 -22.35 4.51
O3' FAD I . -4.01 -22.99 3.88
C4' FAD I . -2.01 -23.43 5.14
O4' FAD I . -1.22 -22.84 6.17
C5' FAD I . -1.12 -24.11 4.12
O5' FAD I . -0.56 -25.30 4.72
P FAD I . -1.23 -26.71 4.53
O1P FAD I . -1.88 -26.78 3.14
O2P FAD I . -0.27 -27.80 4.83
O3P FAD I . -2.40 -26.71 5.61
#